data_2HWC
#
_entry.id   2HWC
#
_cell.length_a   445.100
_cell.length_b   445.100
_cell.length_c   445.100
_cell.angle_alpha   90.00
_cell.angle_beta   90.00
_cell.angle_gamma   90.00
#
_symmetry.space_group_name_H-M   'P 21 3'
#
loop_
_entity.id
_entity.type
_entity.pdbx_description
1 polymer 'HUMAN RHINOVIRUS 14 COAT PROTEIN (SUBUNIT VP1)'
2 polymer 'HUMAN RHINOVIRUS 14 COAT PROTEIN (SUBUNIT VP2)'
3 polymer 'HUMAN RHINOVIRUS 14 COAT PROTEIN (SUBUNIT VP3)'
4 polymer 'HUMAN RHINOVIRUS 14 COAT PROTEIN (SUBUNIT VP4)'
5 non-polymer '5-(5-(2,6-DICHLORO-4-(4,5-DIHYDRO-2-OXAZOLY)PHENOXY)PENTYL)-3-METHYL ISOXAZOLE'
#
loop_
_entity_poly.entity_id
_entity_poly.type
_entity_poly.pdbx_seq_one_letter_code
_entity_poly.pdbx_strand_id
1 'polypeptide(L)'
;GLGDELEEVIVEKTKQTVASISSGPKHTQKVPILTANETGATMPVLPSDSIETRTTYMHFNGSETDVECFLGRAACVHVT
EIQNKDATGIDNHREAKLFNDWKINLSSLVQLRKKLELFTYVRFDSEYTILATASQPDSANYSSNLVVQAMYVPPGAPNP
KEWDDYTWQSASNPSVFFKVGDTSRFSVPYVGLASAYNCFYDGYSHDDAETQYGITVLNHMGSMAFRIVNEHDEHKTLVK
IRVYHRAKHVEAWIPRAPRALPYTSIGRTNYPKNTEPVIKKRKGDIKSY
;
1
2 'polypeptide(L)'
;SPNVEACGYSDRVQQITLGNSTITTQEAANAVVCYAEWPEYLPDVDASDVNKTSKPDTSVCRFYTLDSKTWTTGSKGWCW
KLPDALKDMGVFGQNMFFHSLGRSGYTVHVQCNATKFHSGCLLVVVIPEHQLASHEGGNVSVKYTFTHPGERGIDLSSAN
EVGGPVKDVVYNMNGTLLGNLLIFPHQFINLRTNNTATIVIPYINSVPIDSMTRHNNVSLMVIPIAPLTVPTGATPSLPI
TVTIAPMCTEFSGIRSKSIVPQ
;
2
3 'polypeptide(L)'
;GLPTTTLPGSGQFLTTDDRQSPSALPNYEPTPRIHIPGKVHNLLEIIQVDTLIPMNNTHTKDEVNSYLIPLNANRQNEQV
FGTNLFIGDGVFKTTLLGEIVQYYTHWSGSLRFSLMYTGPALSSAKLILAYTPPGARGPQDRREAMLGTHVVWDIGLQST
IVMTIPWTSGVQFRYTDPDTYTSAGFLSCWYQTSLILPPETTGQVYLLSFISACPDFKLRLMKDTQTISQTVALTE
;
3
4 'polypeptide(L)' GAQVSTQKSGSHENQNILTNGSNQTFTVINYYKDAASTSSAGQSLSMDPSKFTEPVKDLMLKGAPALN 4
#
# COMPACT_ATOMS: atom_id res chain seq x y z
N THR A 17 -9.06 -26.77 -13.30
CA THR A 17 -9.24 -26.24 -11.94
C THR A 17 -10.61 -26.02 -11.30
N VAL A 18 -10.84 -26.57 -10.07
CA VAL A 18 -12.24 -26.33 -9.65
C VAL A 18 -12.33 -25.02 -8.91
N ALA A 19 -13.39 -24.28 -9.22
CA ALA A 19 -13.69 -23.02 -8.55
C ALA A 19 -14.50 -23.29 -7.29
N SER A 20 -15.25 -24.35 -7.35
CA SER A 20 -16.06 -24.72 -6.15
C SER A 20 -16.19 -26.23 -6.25
N ILE A 21 -16.12 -26.92 -5.11
CA ILE A 21 -16.35 -28.34 -5.13
C ILE A 21 -17.84 -28.57 -4.68
N SER A 22 -18.23 -29.81 -4.79
CA SER A 22 -19.62 -30.11 -4.40
C SER A 22 -19.68 -30.24 -2.93
N SER A 23 -20.51 -29.73 -2.15
CA SER A 23 -20.40 -30.02 -0.65
C SER A 23 -21.78 -30.12 -0.14
N GLY A 24 -22.12 -30.90 0.85
CA GLY A 24 -23.58 -31.08 1.28
C GLY A 24 -23.76 -30.66 2.68
N PRO A 25 -24.81 -31.13 3.35
CA PRO A 25 -25.15 -30.70 4.73
C PRO A 25 -23.97 -30.97 5.62
N LYS A 26 -23.73 -30.36 6.69
CA LYS A 26 -22.66 -30.45 7.70
C LYS A 26 -23.26 -30.44 9.12
N HIS A 27 -22.86 -31.16 10.07
CA HIS A 27 -23.38 -31.01 11.49
C HIS A 27 -22.13 -31.38 12.29
N THR A 28 -21.12 -30.61 12.37
CA THR A 28 -19.90 -30.86 12.97
C THR A 28 -19.51 -30.03 14.20
N GLN A 29 -18.39 -30.45 14.68
CA GLN A 29 -17.69 -30.00 15.86
C GLN A 29 -16.49 -29.22 15.26
N LYS A 30 -16.46 -29.20 13.96
CA LYS A 30 -15.31 -28.59 13.24
C LYS A 30 -15.84 -27.38 12.49
N VAL A 31 -15.76 -26.19 13.03
CA VAL A 31 -16.38 -24.98 12.46
C VAL A 31 -15.40 -24.11 11.76
N PRO A 32 -15.21 -24.17 10.47
CA PRO A 32 -14.24 -23.34 9.76
C PRO A 32 -14.61 -21.87 9.70
N ILE A 33 -15.83 -21.48 10.02
CA ILE A 33 -16.19 -20.07 9.87
C ILE A 33 -15.99 -19.30 11.15
N LEU A 34 -15.58 -19.85 12.26
CA LEU A 34 -15.36 -19.03 13.49
C LEU A 34 -13.88 -18.75 13.55
N THR A 35 -13.42 -17.57 13.54
CA THR A 35 -11.95 -17.38 13.65
C THR A 35 -11.60 -16.33 14.62
N ALA A 36 -10.40 -15.87 14.78
CA ALA A 36 -9.98 -14.77 15.67
C ALA A 36 -9.19 -13.76 14.85
N ASN A 37 -9.71 -12.73 14.25
CA ASN A 37 -9.03 -11.81 13.37
C ASN A 37 -7.95 -11.05 14.08
N GLU A 38 -7.89 -11.20 15.41
CA GLU A 38 -6.89 -10.44 16.13
C GLU A 38 -5.51 -10.93 15.80
N THR A 39 -5.43 -12.11 15.20
CA THR A 39 -4.17 -12.81 14.92
C THR A 39 -3.45 -12.20 13.76
N GLY A 40 -4.18 -11.52 12.88
CA GLY A 40 -3.56 -10.88 11.74
C GLY A 40 -3.72 -11.78 10.55
N ALA A 41 -4.34 -12.91 10.64
CA ALA A 41 -4.45 -13.76 9.41
C ALA A 41 -5.71 -13.51 8.67
N THR A 42 -5.86 -13.76 7.38
CA THR A 42 -7.19 -13.85 6.72
C THR A 42 -7.35 -15.33 6.38
N MET A 43 -8.08 -16.01 7.21
CA MET A 43 -8.35 -17.45 7.00
C MET A 43 -9.05 -17.69 5.70
N PRO A 44 -8.57 -18.65 4.94
CA PRO A 44 -9.09 -18.96 3.58
C PRO A 44 -10.42 -19.64 3.50
N VAL A 45 -11.46 -18.98 3.93
CA VAL A 45 -12.83 -19.55 3.94
C VAL A 45 -13.41 -19.44 2.53
N LEU A 46 -14.18 -20.46 2.18
CA LEU A 46 -14.87 -20.61 0.87
C LEU A 46 -16.36 -20.83 0.99
N PRO A 47 -17.06 -20.55 -0.11
CA PRO A 47 -18.53 -20.77 -0.12
C PRO A 47 -18.88 -22.11 0.41
N SER A 48 -18.09 -23.11 0.07
CA SER A 48 -18.43 -24.49 0.48
C SER A 48 -18.14 -24.67 1.93
N ASP A 49 -18.01 -23.73 2.77
CA ASP A 49 -17.70 -24.03 4.21
C ASP A 49 -18.98 -23.70 4.97
N SER A 50 -19.81 -22.97 4.22
CA SER A 50 -21.02 -22.49 4.89
C SER A 50 -22.24 -22.64 4.05
N ILE A 51 -22.34 -23.01 2.84
CA ILE A 51 -23.56 -23.37 2.14
C ILE A 51 -23.32 -24.70 1.44
N GLU A 52 -24.31 -25.33 0.86
CA GLU A 52 -24.10 -26.58 0.07
C GLU A 52 -23.77 -26.17 -1.34
N THR A 53 -22.67 -26.50 -1.97
CA THR A 53 -22.27 -26.10 -3.32
C THR A 53 -22.27 -27.28 -4.26
N ARG A 54 -22.08 -26.97 -5.52
CA ARG A 54 -22.06 -27.94 -6.65
C ARG A 54 -20.71 -27.74 -7.32
N THR A 55 -20.16 -28.65 -8.05
CA THR A 55 -18.88 -28.35 -8.72
C THR A 55 -19.04 -27.36 -9.84
N THR A 56 -18.03 -26.51 -9.94
CA THR A 56 -17.88 -25.54 -11.03
C THR A 56 -16.37 -25.37 -11.24
N TYR A 57 -15.98 -25.09 -12.49
CA TYR A 57 -14.55 -24.84 -12.80
C TYR A 57 -14.26 -23.40 -13.01
N MET A 58 -13.00 -23.07 -12.88
CA MET A 58 -12.55 -21.65 -12.94
C MET A 58 -12.56 -21.16 -14.34
N HIS A 59 -12.07 -21.91 -15.29
CA HIS A 59 -12.04 -21.32 -16.67
C HIS A 59 -11.25 -20.03 -16.63
N PHE A 60 -10.28 -19.79 -15.83
CA PHE A 60 -9.60 -18.44 -15.83
C PHE A 60 -8.26 -18.51 -15.22
N ASN A 61 -7.22 -17.80 -15.51
CA ASN A 61 -5.93 -17.91 -14.95
C ASN A 61 -5.48 -16.74 -14.19
N GLY A 62 -6.04 -15.59 -14.37
CA GLY A 62 -5.54 -14.42 -13.59
C GLY A 62 -4.35 -13.83 -14.30
N SER A 63 -4.25 -13.96 -15.59
CA SER A 63 -3.28 -13.44 -16.47
C SER A 63 -3.07 -11.91 -16.45
N GLU A 64 -4.22 -11.23 -16.43
CA GLU A 64 -4.27 -9.74 -16.67
C GLU A 64 -4.17 -8.91 -15.42
N THR A 65 -3.82 -9.59 -14.34
CA THR A 65 -3.67 -8.99 -13.03
C THR A 65 -2.21 -9.28 -12.61
N ASP A 66 -1.46 -9.88 -13.49
CA ASP A 66 -0.02 -10.07 -13.19
C ASP A 66 0.60 -8.71 -13.04
N VAL A 67 1.52 -8.43 -12.17
CA VAL A 67 2.06 -7.06 -12.08
C VAL A 67 2.74 -6.70 -13.39
N GLU A 68 3.19 -7.66 -14.18
CA GLU A 68 3.91 -7.19 -15.41
C GLU A 68 2.86 -6.56 -16.28
N CYS A 69 1.68 -7.05 -16.26
CA CYS A 69 0.60 -6.59 -17.13
C CYS A 69 0.08 -5.26 -16.59
N PHE A 70 -0.03 -5.22 -15.27
CA PHE A 70 -0.62 -4.03 -14.60
C PHE A 70 0.25 -2.80 -14.87
N LEU A 71 1.56 -2.90 -14.82
CA LEU A 71 2.42 -1.75 -15.00
C LEU A 71 2.97 -1.74 -16.42
N GLY A 72 2.60 -2.72 -17.21
CA GLY A 72 3.22 -2.80 -18.55
C GLY A 72 2.58 -2.10 -19.66
N ARG A 73 1.77 -1.11 -19.55
CA ARG A 73 1.23 -0.40 -20.80
C ARG A 73 1.79 0.99 -20.73
N ALA A 74 1.95 1.65 -21.82
CA ALA A 74 2.48 3.05 -21.83
C ALA A 74 1.57 4.01 -21.11
N ALA A 75 2.01 4.87 -20.26
CA ALA A 75 1.22 5.92 -19.59
C ALA A 75 1.86 7.26 -19.91
N CYS A 76 1.11 8.32 -20.03
CA CYS A 76 1.74 9.66 -20.32
C CYS A 76 2.42 10.11 -19.04
N VAL A 77 3.67 10.42 -19.10
CA VAL A 77 4.35 10.79 -17.84
C VAL A 77 4.74 12.24 -17.91
N HIS A 78 4.62 12.94 -19.00
CA HIS A 78 5.17 14.33 -19.06
C HIS A 78 4.76 15.03 -20.32
N VAL A 79 4.33 16.28 -20.18
CA VAL A 79 4.05 17.05 -21.43
C VAL A 79 4.88 18.32 -21.35
N THR A 80 5.71 18.64 -22.21
CA THR A 80 6.51 19.88 -22.17
C THR A 80 6.32 20.58 -23.48
N GLU A 81 6.98 21.70 -23.66
CA GLU A 81 6.88 22.41 -24.96
C GLU A 81 8.10 23.33 -25.18
N ILE A 82 8.50 23.37 -26.42
CA ILE A 82 9.63 24.14 -26.94
C ILE A 82 9.16 24.87 -28.18
N GLN A 83 9.79 25.98 -28.57
CA GLN A 83 9.41 26.61 -29.86
C GLN A 83 10.60 26.88 -30.79
N ASN A 84 10.28 26.96 -32.06
CA ASN A 84 11.34 27.26 -33.05
C ASN A 84 11.07 28.73 -33.35
N LYS A 85 12.01 29.55 -33.09
CA LYS A 85 11.81 31.02 -33.40
C LYS A 85 13.17 31.65 -33.49
N ASP A 86 13.28 32.85 -34.01
CA ASP A 86 14.60 33.52 -34.11
C ASP A 86 15.18 33.84 -32.72
N ALA A 87 16.37 33.27 -32.45
CA ALA A 87 16.92 33.43 -31.08
C ALA A 87 17.67 34.75 -30.97
N THR A 88 17.72 35.38 -32.13
CA THR A 88 18.39 36.69 -32.18
C THR A 88 17.82 37.61 -31.09
N GLY A 89 18.84 38.07 -30.28
CA GLY A 89 18.53 38.89 -29.09
C GLY A 89 17.85 38.19 -27.95
N ILE A 90 18.01 36.83 -27.83
CA ILE A 90 17.24 36.21 -26.68
C ILE A 90 18.32 36.02 -25.64
N ASP A 91 17.99 36.54 -24.46
CA ASP A 91 19.18 36.41 -23.47
C ASP A 91 19.13 35.14 -22.76
N ASN A 92 18.04 34.38 -22.93
CA ASN A 92 17.89 33.16 -22.07
C ASN A 92 17.02 32.15 -22.81
N HIS A 93 17.78 31.32 -23.55
CA HIS A 93 17.11 30.38 -24.45
C HIS A 93 16.16 29.50 -23.66
N ARG A 94 16.72 29.17 -22.50
CA ARG A 94 15.94 28.17 -21.67
C ARG A 94 14.62 28.81 -21.36
N GLU A 95 14.76 30.10 -21.01
CA GLU A 95 13.56 30.83 -20.69
C GLU A 95 12.64 31.10 -21.83
N ALA A 96 13.08 31.12 -23.07
CA ALA A 96 12.21 31.39 -24.24
C ALA A 96 11.62 30.08 -24.77
N LYS A 97 11.84 28.97 -24.04
CA LYS A 97 11.51 27.65 -24.49
C LYS A 97 12.21 27.40 -25.87
N LEU A 98 13.40 27.92 -25.98
CA LEU A 98 14.17 27.63 -27.22
C LEU A 98 14.61 26.20 -27.09
N PHE A 99 14.37 25.76 -25.88
CA PHE A 99 14.67 24.41 -25.47
C PHE A 99 14.36 24.27 -24.01
N ASN A 100 13.75 23.15 -23.73
CA ASN A 100 13.33 22.81 -22.40
C ASN A 100 13.95 21.49 -21.96
N ASP A 101 13.66 21.20 -20.72
CA ASP A 101 14.09 19.98 -20.06
C ASP A 101 13.02 19.42 -19.11
N TRP A 102 13.19 18.11 -18.81
CA TRP A 102 12.32 17.32 -17.90
C TRP A 102 13.18 16.45 -17.01
N LYS A 103 13.19 16.94 -15.83
CA LYS A 103 13.98 16.44 -14.79
C LYS A 103 13.45 15.12 -14.28
N ILE A 104 13.52 14.23 -15.22
CA ILE A 104 13.07 12.84 -15.10
C ILE A 104 12.58 12.54 -13.70
N ASN A 105 11.32 12.23 -13.75
CA ASN A 105 10.52 11.83 -12.61
C ASN A 105 9.18 11.29 -13.12
N LEU A 106 8.69 10.33 -12.38
CA LEU A 106 7.44 9.60 -12.69
C LEU A 106 6.34 9.90 -11.66
N SER A 107 6.51 10.98 -10.94
CA SER A 107 5.55 11.39 -9.90
C SER A 107 4.70 12.58 -10.37
N SER A 108 5.12 13.17 -11.47
CA SER A 108 4.42 14.33 -12.07
C SER A 108 2.93 14.01 -12.21
N LEU A 109 2.65 13.17 -13.20
CA LEU A 109 1.27 12.73 -13.50
C LEU A 109 0.89 11.65 -12.46
N VAL A 110 -0.34 11.78 -11.98
CA VAL A 110 -0.88 10.94 -10.88
C VAL A 110 -1.55 9.63 -11.33
N GLN A 111 -1.91 9.52 -12.59
CA GLN A 111 -2.60 8.30 -13.08
C GLN A 111 -1.71 7.07 -12.94
N LEU A 112 -0.48 7.21 -13.39
CA LEU A 112 0.51 6.13 -13.32
C LEU A 112 1.13 6.07 -11.93
N ARG A 113 1.10 7.20 -11.26
CA ARG A 113 1.68 7.36 -9.91
C ARG A 113 0.96 6.47 -8.89
N LYS A 114 -0.35 6.59 -8.84
CA LYS A 114 -1.17 5.82 -7.89
C LYS A 114 -0.93 4.32 -8.05
N LYS A 115 -0.82 3.90 -9.30
CA LYS A 115 -0.61 2.50 -9.66
C LYS A 115 0.71 1.96 -9.06
N LEU A 116 1.75 2.77 -9.25
CA LEU A 116 3.11 2.43 -8.81
C LEU A 116 3.24 2.40 -7.28
N GLU A 117 2.54 3.33 -6.65
CA GLU A 117 2.59 3.53 -5.19
C GLU A 117 1.76 2.50 -4.42
N LEU A 118 1.36 1.46 -5.14
CA LEU A 118 0.61 0.33 -4.58
C LEU A 118 1.65 -0.62 -3.94
N PHE A 119 2.90 -0.33 -4.31
CA PHE A 119 4.11 -1.07 -3.88
C PHE A 119 5.13 -0.10 -3.25
N THR A 120 6.06 -0.65 -2.48
CA THR A 120 7.09 0.16 -1.78
C THR A 120 8.36 0.30 -2.63
N TYR A 121 8.86 -0.83 -3.13
CA TYR A 121 10.05 -0.88 -4.02
C TYR A 121 9.62 -1.48 -5.37
N VAL A 122 10.19 -1.01 -6.41
CA VAL A 122 9.69 -1.51 -7.78
C VAL A 122 10.92 -1.58 -8.59
N ARG A 123 11.09 -2.51 -9.47
CA ARG A 123 12.30 -2.62 -10.33
C ARG A 123 11.82 -2.94 -11.74
N PHE A 124 12.26 -2.24 -12.78
CA PHE A 124 11.81 -2.50 -14.14
C PHE A 124 12.68 -1.81 -15.15
N ASP A 125 12.68 -2.22 -16.40
CA ASP A 125 13.31 -1.50 -17.52
C ASP A 125 12.25 -0.52 -18.05
N SER A 126 12.58 0.54 -18.67
CA SER A 126 11.59 1.49 -19.16
C SER A 126 11.60 1.49 -20.64
N GLU A 127 10.44 1.58 -21.22
CA GLU A 127 10.43 1.82 -22.67
C GLU A 127 9.83 3.19 -22.84
N TYR A 128 10.47 4.19 -23.40
CA TYR A 128 9.89 5.52 -23.60
C TYR A 128 9.30 5.70 -24.98
N THR A 129 8.16 6.29 -25.15
CA THR A 129 7.71 6.70 -26.55
C THR A 129 7.59 8.19 -26.46
N ILE A 130 8.05 8.94 -27.40
CA ILE A 130 7.95 10.43 -27.33
C ILE A 130 7.15 10.91 -28.51
N LEU A 131 6.00 11.44 -28.35
CA LEU A 131 5.21 11.98 -29.50
C LEU A 131 5.43 13.49 -29.51
N ALA A 132 5.63 14.13 -30.59
CA ALA A 132 5.86 15.57 -30.75
C ALA A 132 4.90 16.13 -31.74
N THR A 133 4.06 17.05 -31.49
CA THR A 133 3.13 17.55 -32.61
C THR A 133 3.36 19.01 -32.72
N ALA A 134 3.10 19.63 -33.87
CA ALA A 134 3.40 21.10 -33.94
C ALA A 134 2.09 21.84 -34.05
N SER A 135 2.10 23.05 -33.61
CA SER A 135 1.04 24.02 -33.60
C SER A 135 1.58 25.34 -34.18
N GLN A 136 0.73 25.99 -34.89
CA GLN A 136 1.13 27.32 -35.50
C GLN A 136 0.00 28.29 -35.23
N PRO A 137 -0.11 28.69 -33.96
CA PRO A 137 -1.22 29.55 -33.55
C PRO A 137 -1.24 30.84 -34.31
N ASP A 138 -0.24 31.35 -34.95
CA ASP A 138 -0.56 32.66 -35.61
C ASP A 138 -0.03 32.71 -37.02
N SER A 139 -0.91 32.90 -37.93
CA SER A 139 -0.57 33.13 -39.32
C SER A 139 0.74 32.61 -39.82
N ALA A 140 0.70 31.50 -40.54
CA ALA A 140 1.97 30.98 -41.17
C ALA A 140 1.61 30.60 -42.61
N ASN A 141 2.56 30.65 -43.50
CA ASN A 141 2.22 30.28 -44.89
C ASN A 141 2.07 28.77 -45.03
N TYR A 142 2.81 28.16 -44.12
CA TYR A 142 2.93 26.73 -44.09
C TYR A 142 3.37 26.19 -42.76
N SER A 143 3.39 24.85 -42.79
CA SER A 143 3.82 24.01 -41.64
C SER A 143 5.24 23.58 -41.83
N SER A 144 6.16 23.95 -41.00
CA SER A 144 7.62 23.56 -41.51
C SER A 144 7.94 22.18 -41.12
N ASN A 145 9.02 21.53 -41.58
CA ASN A 145 9.29 20.21 -40.96
C ASN A 145 10.59 20.23 -40.19
N LEU A 146 10.30 20.19 -38.91
CA LEU A 146 11.20 20.25 -37.80
C LEU A 146 11.62 18.85 -37.37
N VAL A 147 12.83 18.83 -36.83
CA VAL A 147 13.46 17.63 -36.30
C VAL A 147 13.86 17.90 -34.85
N VAL A 148 13.29 17.11 -33.97
CA VAL A 148 13.55 17.21 -32.53
C VAL A 148 14.77 16.39 -32.14
N GLN A 149 15.43 16.85 -31.09
CA GLN A 149 16.62 16.18 -30.54
C GLN A 149 16.50 16.07 -29.02
N ALA A 150 16.27 14.85 -28.58
CA ALA A 150 16.13 14.52 -27.16
C ALA A 150 17.43 13.87 -26.67
N MET A 151 18.07 14.58 -25.75
CA MET A 151 19.33 14.14 -25.15
C MET A 151 19.20 14.11 -23.63
N TYR A 152 19.68 13.01 -23.06
CA TYR A 152 19.65 12.76 -21.62
C TYR A 152 20.98 13.16 -20.97
N VAL A 153 20.91 14.28 -20.27
CA VAL A 153 22.07 14.84 -19.57
C VAL A 153 22.23 14.14 -18.21
N PRO A 154 23.06 13.08 -18.13
CA PRO A 154 23.24 12.39 -16.87
C PRO A 154 23.74 13.35 -15.84
N PRO A 155 23.38 13.20 -14.56
CA PRO A 155 23.84 14.13 -13.54
C PRO A 155 25.34 14.17 -13.51
N GLY A 156 25.86 15.38 -13.61
CA GLY A 156 27.31 15.63 -13.60
C GLY A 156 27.79 15.87 -15.04
N ALA A 157 26.84 16.23 -15.88
CA ALA A 157 27.09 16.49 -17.31
C ALA A 157 26.84 17.95 -17.67
N PRO A 158 27.57 18.49 -18.67
CA PRO A 158 27.39 19.87 -19.08
C PRO A 158 25.97 20.09 -19.55
N ASN A 159 25.27 20.91 -18.80
CA ASN A 159 23.86 21.26 -19.08
C ASN A 159 23.75 22.26 -20.23
N PRO A 160 22.89 22.02 -21.25
CA PRO A 160 22.76 22.95 -22.34
C PRO A 160 22.31 24.29 -21.83
N LYS A 161 23.10 25.27 -22.19
CA LYS A 161 22.86 26.66 -21.84
C LYS A 161 22.10 27.35 -22.98
N GLU A 162 22.54 27.04 -24.18
CA GLU A 162 21.94 27.58 -25.42
C GLU A 162 21.24 26.44 -26.18
N TRP A 163 20.82 26.75 -27.40
CA TRP A 163 20.08 25.79 -28.25
C TRP A 163 20.95 25.16 -29.33
N ASP A 164 22.17 25.65 -29.43
CA ASP A 164 23.16 25.12 -30.40
C ASP A 164 24.54 25.09 -29.77
N ASP A 165 24.53 24.76 -28.50
CA ASP A 165 25.73 24.66 -27.66
C ASP A 165 26.66 23.57 -28.21
N TYR A 166 27.63 23.26 -27.38
CA TYR A 166 28.62 22.21 -27.66
C TYR A 166 28.15 20.92 -26.99
N THR A 167 27.20 21.12 -26.09
CA THR A 167 26.58 20.05 -25.30
C THR A 167 25.72 19.16 -26.19
N TRP A 168 25.04 19.82 -27.11
CA TRP A 168 24.14 19.16 -28.06
C TRP A 168 24.93 18.20 -28.96
N GLN A 169 26.24 18.34 -28.89
CA GLN A 169 27.16 17.47 -29.63
C GLN A 169 26.93 16.04 -29.17
N SER A 170 26.59 15.97 -27.89
CA SER A 170 26.30 14.73 -27.18
C SER A 170 27.07 13.58 -27.85
N ALA A 171 28.36 13.57 -27.59
CA ALA A 171 29.29 12.57 -28.16
C ALA A 171 29.40 11.34 -27.25
N SER A 172 28.92 11.49 -26.03
CA SER A 172 28.95 10.41 -25.03
C SER A 172 27.58 10.23 -24.38
N ASN A 173 26.71 11.16 -24.70
CA ASN A 173 25.32 11.19 -24.17
C ASN A 173 24.34 10.60 -25.18
N PRO A 174 23.59 9.55 -24.83
CA PRO A 174 22.63 8.96 -25.74
C PRO A 174 21.60 10.01 -26.12
N SER A 175 21.45 10.19 -27.43
CA SER A 175 20.50 11.16 -27.99
C SER A 175 19.79 10.57 -29.22
N VAL A 176 18.56 11.03 -29.41
CA VAL A 176 17.70 10.58 -30.53
C VAL A 176 17.12 11.78 -31.28
N PHE A 177 17.16 11.65 -32.61
CA PHE A 177 16.66 12.66 -33.54
C PHE A 177 15.48 12.10 -34.36
N PHE A 178 14.32 12.69 -34.14
CA PHE A 178 13.09 12.31 -34.86
C PHE A 178 12.34 13.57 -35.30
N LYS A 179 11.43 13.34 -36.23
CA LYS A 179 10.61 14.40 -36.82
C LYS A 179 9.34 14.66 -36.01
N VAL A 180 8.97 15.93 -35.99
CA VAL A 180 7.74 16.38 -35.33
C VAL A 180 6.57 15.76 -36.08
N GLY A 181 5.64 15.25 -35.31
CA GLY A 181 4.46 14.57 -35.85
C GLY A 181 4.67 13.07 -35.75
N ASP A 182 5.95 12.72 -35.75
CA ASP A 182 6.40 11.34 -35.62
C ASP A 182 6.66 11.04 -34.15
N THR A 183 7.04 9.81 -33.93
CA THR A 183 7.31 9.29 -32.59
C THR A 183 8.70 8.66 -32.55
N SER A 184 9.31 8.75 -31.38
CA SER A 184 10.63 8.18 -31.11
C SER A 184 10.47 7.12 -30.06
N ARG A 185 11.21 6.07 -30.08
CA ARG A 185 11.02 5.00 -29.10
C ARG A 185 12.33 4.25 -28.86
N PHE A 186 12.51 3.92 -27.63
CA PHE A 186 13.70 3.19 -27.18
C PHE A 186 13.41 2.68 -25.78
N SER A 187 14.28 1.90 -25.25
CA SER A 187 14.05 1.38 -23.91
C SER A 187 15.34 1.46 -23.14
N VAL A 188 15.20 1.62 -21.85
CA VAL A 188 16.34 1.82 -20.98
C VAL A 188 16.34 0.79 -19.87
N PRO A 189 17.52 0.26 -19.51
CA PRO A 189 17.62 -0.69 -18.44
C PRO A 189 17.26 0.00 -17.20
N TYR A 190 17.15 -0.74 -16.16
CA TYR A 190 16.88 -0.13 -14.89
C TYR A 190 18.17 0.55 -14.40
N VAL A 191 18.16 1.87 -14.36
CA VAL A 191 19.33 2.68 -13.99
C VAL A 191 19.33 3.12 -12.52
N GLY A 192 18.66 2.35 -11.69
CA GLY A 192 18.57 2.63 -10.24
C GLY A 192 19.94 2.36 -9.60
N LEU A 193 20.22 3.11 -8.55
CA LEU A 193 21.47 2.99 -7.78
C LEU A 193 21.45 1.71 -6.95
N ALA A 194 20.32 1.53 -6.28
CA ALA A 194 20.08 0.37 -5.40
C ALA A 194 19.62 -0.82 -6.24
N SER A 195 19.05 -1.78 -5.52
CA SER A 195 18.55 -3.02 -6.12
C SER A 195 17.14 -2.82 -6.69
N ALA A 196 16.55 -1.70 -6.31
CA ALA A 196 15.19 -1.33 -6.74
C ALA A 196 14.89 0.13 -6.45
N TYR A 197 13.92 0.65 -7.19
CA TYR A 197 13.44 2.03 -7.05
C TYR A 197 12.60 2.14 -5.79
N ASN A 198 12.88 3.14 -5.00
CA ASN A 198 12.15 3.38 -3.75
C ASN A 198 10.95 4.29 -4.02
N CYS A 199 9.77 3.68 -3.91
CA CYS A 199 8.49 4.37 -4.12
C CYS A 199 8.22 5.31 -2.95
N PHE A 200 8.86 4.96 -1.85
CA PHE A 200 8.77 5.71 -0.59
C PHE A 200 10.10 5.62 0.13
N TYR A 201 10.41 6.64 0.87
CA TYR A 201 11.67 6.71 1.61
C TYR A 201 11.54 7.64 2.81
N ASP A 202 11.47 6.98 3.96
CA ASP A 202 11.35 7.63 5.26
C ASP A 202 12.77 7.83 5.83
N GLY A 203 13.46 8.78 5.22
CA GLY A 203 14.84 9.14 5.59
C GLY A 203 15.26 10.45 4.90
N TYR A 204 16.53 10.78 5.08
CA TYR A 204 17.13 12.00 4.52
C TYR A 204 18.49 11.67 3.87
N SER A 205 19.00 12.67 3.16
CA SER A 205 20.29 12.56 2.47
C SER A 205 21.41 12.34 3.49
N HIS A 206 21.35 13.17 4.53
CA HIS A 206 22.31 13.12 5.64
C HIS A 206 21.64 13.69 6.90
N ASP A 207 22.32 13.46 8.02
CA ASP A 207 21.84 13.88 9.34
C ASP A 207 21.93 15.38 9.54
N ASP A 208 21.11 16.09 8.77
CA ASP A 208 21.01 17.55 8.86
C ASP A 208 19.69 17.90 9.55
N ALA A 209 19.57 19.16 9.91
CA ALA A 209 18.38 19.65 10.62
C ALA A 209 17.46 20.45 9.70
N GLU A 210 17.86 20.60 8.45
CA GLU A 210 17.08 21.37 7.46
C GLU A 210 16.98 20.64 6.11
N THR A 211 17.75 19.58 5.98
CA THR A 211 17.76 18.78 4.74
C THR A 211 16.34 18.25 4.46
N GLN A 212 16.04 18.22 3.17
CA GLN A 212 14.72 17.77 2.66
C GLN A 212 14.43 16.34 3.12
N TYR A 213 13.17 15.98 2.96
CA TYR A 213 12.66 14.68 3.38
C TYR A 213 11.84 14.03 2.26
N GLY A 214 12.16 12.78 2.03
CA GLY A 214 11.46 11.99 1.03
C GLY A 214 12.42 11.27 0.10
N ILE A 215 11.88 11.02 -1.07
CA ILE A 215 12.54 10.32 -2.15
C ILE A 215 13.13 11.30 -3.16
N THR A 216 12.57 12.50 -3.15
CA THR A 216 13.00 13.59 -4.05
C THR A 216 14.50 13.81 -3.91
N VAL A 217 15.04 13.21 -2.87
CA VAL A 217 16.46 13.29 -2.54
C VAL A 217 17.19 12.03 -3.01
N LEU A 218 16.39 11.00 -3.23
CA LEU A 218 16.89 9.69 -3.68
C LEU A 218 16.83 9.57 -5.21
N ASN A 219 15.77 10.13 -5.75
CA ASN A 219 15.52 10.10 -7.20
C ASN A 219 16.08 11.34 -7.88
N HIS A 220 17.39 11.30 -8.05
CA HIS A 220 18.17 12.37 -8.69
C HIS A 220 18.99 11.76 -9.83
N MET A 221 18.27 11.47 -10.91
CA MET A 221 18.83 10.82 -12.11
C MET A 221 18.90 11.78 -13.30
N GLY A 222 19.26 13.01 -13.00
CA GLY A 222 19.41 14.06 -14.03
C GLY A 222 18.07 14.40 -14.68
N SER A 223 18.18 14.96 -15.88
CA SER A 223 17.01 15.39 -16.66
C SER A 223 17.24 15.18 -18.16
N MET A 224 16.11 15.17 -18.85
CA MET A 224 16.05 15.04 -20.31
C MET A 224 15.87 16.44 -20.91
N ALA A 225 16.53 16.66 -22.02
CA ALA A 225 16.48 17.97 -22.70
C ALA A 225 16.12 17.83 -24.17
N PHE A 226 15.10 18.59 -24.55
CA PHE A 226 14.61 18.64 -25.93
C PHE A 226 14.95 19.98 -26.57
N ARG A 227 14.92 19.94 -27.88
CA ARG A 227 15.21 21.12 -28.72
C ARG A 227 14.96 20.78 -30.19
N ILE A 228 14.74 21.82 -30.96
CA ILE A 228 14.51 21.73 -32.40
C ILE A 228 15.82 22.08 -33.13
N VAL A 229 16.26 21.13 -33.94
CA VAL A 229 17.51 21.23 -34.70
C VAL A 229 17.45 22.36 -35.73
N ASN A 230 16.32 22.41 -36.42
CA ASN A 230 16.08 23.40 -37.48
C ASN A 230 16.24 24.83 -37.00
N GLU A 231 16.74 25.65 -37.90
CA GLU A 231 16.84 27.09 -37.66
C GLU A 231 15.42 27.63 -37.71
N HIS A 232 15.29 28.93 -37.66
CA HIS A 232 13.97 29.56 -37.65
C HIS A 232 13.52 29.99 -39.05
N ASP A 233 12.25 29.73 -39.29
CA ASP A 233 11.57 30.18 -40.50
C ASP A 233 11.00 31.55 -40.19
N GLU A 234 10.25 32.09 -41.10
CA GLU A 234 9.62 33.40 -40.89
C GLU A 234 8.58 33.26 -39.83
N HIS A 235 7.75 32.24 -39.72
CA HIS A 235 6.75 32.26 -38.59
C HIS A 235 7.33 31.52 -37.40
N LYS A 236 6.54 31.40 -36.39
CA LYS A 236 6.99 30.73 -35.13
C LYS A 236 6.30 29.41 -35.08
N THR A 237 6.84 28.39 -34.47
CA THR A 237 6.17 27.08 -34.48
C THR A 237 6.26 26.55 -33.03
N LEU A 238 5.12 26.16 -32.51
CA LEU A 238 5.10 25.59 -31.13
C LEU A 238 5.13 24.08 -31.30
N VAL A 239 6.07 23.47 -30.58
CA VAL A 239 6.16 21.97 -30.63
C VAL A 239 5.90 21.52 -29.20
N LYS A 240 5.00 20.61 -29.03
CA LYS A 240 4.63 20.17 -27.63
C LYS A 240 5.05 18.70 -27.57
N ILE A 241 5.85 18.40 -26.58
CA ILE A 241 6.39 17.03 -26.37
C ILE A 241 5.63 16.29 -25.30
N ARG A 242 5.20 15.06 -25.67
CA ARG A 242 4.56 14.13 -24.69
C ARG A 242 5.43 12.86 -24.53
N VAL A 243 5.89 12.60 -23.32
CA VAL A 243 6.70 11.43 -23.03
C VAL A 243 5.82 10.34 -22.46
N TYR A 244 5.80 9.16 -23.01
CA TYR A 244 5.03 8.00 -22.47
C TYR A 244 6.00 7.01 -21.87
N HIS A 245 5.66 6.34 -20.79
CA HIS A 245 6.58 5.38 -20.16
C HIS A 245 5.88 4.05 -19.94
N ARG A 246 6.48 2.95 -20.31
CA ARG A 246 5.97 1.58 -20.15
C ARG A 246 7.00 0.77 -19.36
N ALA A 247 6.63 0.21 -18.28
CA ALA A 247 7.52 -0.65 -17.50
C ALA A 247 7.57 -2.03 -18.19
N LYS A 248 8.77 -2.58 -18.34
CA LYS A 248 8.89 -3.98 -18.88
C LYS A 248 9.87 -4.66 -17.93
N HIS A 249 9.59 -5.94 -17.64
CA HIS A 249 10.38 -6.77 -16.72
C HIS A 249 10.19 -6.32 -15.31
N VAL A 250 8.94 -6.20 -14.87
CA VAL A 250 8.59 -5.62 -13.58
C VAL A 250 8.80 -6.46 -12.36
N GLU A 251 9.23 -5.90 -11.30
CA GLU A 251 9.35 -6.73 -10.02
C GLU A 251 8.90 -5.81 -8.91
N ALA A 252 7.96 -6.17 -8.07
CA ALA A 252 7.43 -5.21 -7.07
C ALA A 252 7.43 -5.79 -5.71
N TRP A 253 7.80 -5.16 -4.65
CA TRP A 253 7.77 -5.75 -3.30
C TRP A 253 6.94 -4.90 -2.35
N ILE A 254 6.37 -5.51 -1.36
CA ILE A 254 5.64 -4.96 -0.25
C ILE A 254 4.47 -4.11 -0.57
N PRO A 255 3.27 -4.68 -0.73
CA PRO A 255 2.05 -3.91 -1.09
C PRO A 255 1.70 -2.91 -0.03
N ARG A 256 1.08 -1.81 -0.33
CA ARG A 256 0.68 -0.80 0.68
C ARG A 256 -0.75 -0.37 0.43
N ALA A 257 -1.34 0.35 1.30
CA ALA A 257 -2.72 0.90 1.19
C ALA A 257 -2.79 1.85 0.01
N PRO A 258 -3.85 1.86 -0.82
CA PRO A 258 -3.88 2.72 -2.01
C PRO A 258 -3.96 4.16 -1.63
N ARG A 259 -3.58 5.12 -2.47
CA ARG A 259 -3.69 6.51 -2.20
C ARG A 259 -5.13 7.01 -2.08
N ALA A 260 -5.50 7.65 -1.02
CA ALA A 260 -6.89 8.10 -0.86
C ALA A 260 -6.98 9.57 -1.16
N LEU A 261 -6.16 10.45 -0.59
CA LEU A 261 -6.28 11.91 -0.82
C LEU A 261 -5.50 12.28 -2.08
N PRO A 262 -5.74 13.48 -2.57
CA PRO A 262 -5.10 14.02 -3.76
C PRO A 262 -3.64 14.26 -3.43
N TYR A 263 -2.85 14.39 -4.47
CA TYR A 263 -1.41 14.63 -4.39
C TYR A 263 -1.14 16.14 -4.51
N THR A 264 -0.04 16.61 -3.96
CA THR A 264 0.29 18.03 -4.00
C THR A 264 1.65 18.20 -4.56
N SER A 265 2.54 17.26 -4.36
CA SER A 265 3.98 17.45 -4.77
C SER A 265 4.65 16.25 -5.32
N ILE A 266 5.63 16.36 -6.24
CA ILE A 266 6.43 15.22 -6.69
C ILE A 266 7.26 14.81 -5.46
N GLY A 267 7.10 13.57 -5.09
CA GLY A 267 7.98 12.99 -4.08
C GLY A 267 7.63 13.19 -2.67
N ARG A 268 6.54 13.88 -2.37
CA ARG A 268 6.19 13.84 -0.89
C ARG A 268 4.80 13.30 -0.86
N THR A 269 4.45 12.77 0.27
CA THR A 269 3.18 12.11 0.55
C THR A 269 2.06 13.03 0.91
N ASN A 270 2.44 14.32 1.13
CA ASN A 270 1.59 15.38 1.50
C ASN A 270 0.27 15.46 0.64
N TYR A 271 -0.76 15.71 1.36
CA TYR A 271 -2.10 15.93 0.84
C TYR A 271 -2.52 17.38 1.20
N PRO A 272 -3.44 17.92 0.44
CA PRO A 272 -3.92 19.27 0.63
C PRO A 272 -4.75 19.52 1.85
N LYS A 273 -4.69 20.72 2.48
CA LYS A 273 -5.52 21.00 3.69
C LYS A 273 -6.95 21.25 3.39
N ASN A 274 -7.80 20.98 4.35
CA ASN A 274 -9.28 21.17 3.99
C ASN A 274 -9.31 20.53 2.53
N THR A 275 -9.33 19.24 2.70
CA THR A 275 -9.50 18.32 1.52
C THR A 275 -10.92 17.88 1.61
N GLU A 276 -11.54 17.02 0.86
CA GLU A 276 -12.99 16.67 1.25
C GLU A 276 -13.09 15.28 1.74
N PRO A 277 -14.12 14.99 2.45
CA PRO A 277 -14.28 13.55 2.99
C PRO A 277 -14.17 12.66 1.74
N VAL A 278 -13.37 11.63 1.90
CA VAL A 278 -13.12 10.68 0.79
C VAL A 278 -14.07 9.54 0.93
N ILE A 279 -14.68 9.27 2.07
CA ILE A 279 -15.66 8.15 2.13
C ILE A 279 -17.04 8.67 1.85
N LYS A 280 -17.78 8.27 0.91
CA LYS A 280 -19.16 8.71 0.55
C LYS A 280 -20.11 8.55 1.71
N LYS A 281 -20.75 9.58 2.13
CA LYS A 281 -21.76 9.49 3.21
C LYS A 281 -23.03 8.84 2.71
N ARG A 282 -23.60 7.98 3.54
CA ARG A 282 -24.85 7.36 3.18
C ARG A 282 -25.97 8.35 2.98
N LYS A 283 -26.81 7.95 2.05
CA LYS A 283 -28.10 8.90 1.96
C LYS A 283 -29.08 8.10 2.77
N GLY A 284 -29.09 8.14 4.05
CA GLY A 284 -29.99 7.27 4.85
C GLY A 284 -29.18 6.74 6.02
N ASP A 285 -29.68 5.86 6.79
CA ASP A 285 -29.18 5.10 7.78
C ASP A 285 -28.05 4.16 7.58
N ILE A 286 -27.60 3.64 8.80
CA ILE A 286 -26.63 2.50 8.61
C ILE A 286 -27.48 1.34 7.95
N LYS A 287 -28.75 1.34 8.37
CA LYS A 287 -29.66 0.31 7.94
C LYS A 287 -30.06 0.41 6.49
N SER A 288 -29.81 1.51 5.82
CA SER A 288 -30.22 1.69 4.40
C SER A 288 -29.74 0.79 3.35
N TYR A 289 -30.40 0.52 2.27
CA TYR A 289 -29.76 -0.36 1.22
C TYR A 289 -29.08 0.46 0.15
N GLY B 8 -1.19 -29.28 25.83
CA GLY B 8 -1.79 -28.14 26.70
C GLY B 8 -1.13 -26.84 26.18
N TYR B 9 -0.44 -27.01 25.04
CA TYR B 9 0.16 -25.72 24.48
C TYR B 9 -1.01 -24.97 23.95
N SER B 10 -1.06 -23.68 24.19
CA SER B 10 -2.20 -22.90 23.59
C SER B 10 -1.50 -21.89 22.70
N ASP B 11 -2.13 -21.36 21.75
CA ASP B 11 -1.70 -20.25 20.98
C ASP B 11 -1.45 -18.99 21.83
N ARG B 12 -2.14 -18.98 22.93
CA ARG B 12 -2.41 -18.16 24.03
C ARG B 12 -1.29 -17.87 25.00
N VAL B 13 -0.53 -18.82 25.47
CA VAL B 13 0.60 -18.59 26.35
C VAL B 13 1.91 -18.65 25.59
N GLN B 14 2.86 -17.83 25.82
CA GLN B 14 4.10 -17.81 25.09
C GLN B 14 5.22 -17.27 25.92
N GLN B 15 6.42 -17.65 25.54
CA GLN B 15 7.63 -17.17 26.19
C GLN B 15 8.62 -16.79 25.10
N ILE B 16 9.17 -15.62 25.13
CA ILE B 16 10.24 -15.26 24.17
C ILE B 16 11.50 -14.94 24.95
N THR B 17 12.57 -15.62 24.86
CA THR B 17 13.80 -15.34 25.61
C THR B 17 14.81 -14.83 24.59
N LEU B 18 15.34 -13.72 24.83
CA LEU B 18 16.28 -13.11 23.79
C LEU B 18 17.28 -12.37 24.64
N GLY B 19 18.47 -12.90 24.60
CA GLY B 19 19.59 -12.39 25.32
C GLY B 19 19.39 -12.78 26.78
N ASN B 20 19.31 -11.79 27.54
CA ASN B 20 19.33 -11.88 29.05
C ASN B 20 17.99 -11.43 29.54
N SER B 21 17.02 -11.39 28.60
CA SER B 21 15.67 -10.95 28.91
C SER B 21 14.56 -11.85 28.40
N THR B 22 13.54 -12.11 29.15
CA THR B 22 12.44 -12.95 28.82
C THR B 22 11.09 -12.30 29.06
N ILE B 23 10.15 -12.54 28.20
CA ILE B 23 8.78 -12.09 28.21
C ILE B 23 7.80 -13.25 28.29
N THR B 24 6.82 -13.24 29.12
CA THR B 24 5.83 -14.32 29.14
C THR B 24 4.48 -13.64 28.91
N THR B 25 3.65 -14.16 28.10
CA THR B 25 2.29 -13.74 27.93
C THR B 25 1.39 -14.96 28.11
N GLN B 26 0.34 -14.74 28.86
CA GLN B 26 -0.64 -15.82 29.12
C GLN B 26 -1.89 -15.55 28.32
N GLU B 27 -1.90 -14.56 27.47
CA GLU B 27 -3.07 -14.22 26.66
C GLU B 27 -2.77 -13.64 25.32
N ALA B 28 -2.00 -14.31 24.54
CA ALA B 28 -1.51 -13.97 23.25
C ALA B 28 -2.55 -14.34 22.19
N ALA B 29 -2.41 -13.95 20.95
CA ALA B 29 -3.22 -14.31 19.82
C ALA B 29 -2.22 -14.59 18.67
N ASN B 30 -1.55 -15.70 18.89
CA ASN B 30 -0.49 -16.15 17.87
C ASN B 30 0.54 -15.03 17.73
N ALA B 31 1.31 -14.87 16.71
CA ALA B 31 2.32 -13.83 16.52
C ALA B 31 2.47 -13.72 15.00
N VAL B 32 2.83 -12.59 14.55
CA VAL B 32 2.94 -12.38 13.11
C VAL B 32 4.43 -12.30 12.81
N VAL B 33 4.77 -12.88 11.67
CA VAL B 33 6.17 -12.75 11.19
C VAL B 33 6.07 -12.07 9.83
N CYS B 34 6.43 -10.81 9.78
CA CYS B 34 6.25 -10.04 8.55
C CYS B 34 6.59 -10.77 7.30
N TYR B 35 5.62 -10.85 6.36
CA TYR B 35 5.89 -11.38 5.02
C TYR B 35 6.40 -12.78 5.15
N ALA B 36 6.03 -13.37 6.28
CA ALA B 36 6.41 -14.78 6.52
C ALA B 36 7.89 -14.98 6.48
N GLU B 37 8.74 -14.10 6.80
CA GLU B 37 10.17 -14.24 6.87
C GLU B 37 10.74 -13.85 8.20
N TRP B 38 11.62 -14.60 8.69
CA TRP B 38 12.24 -14.42 10.05
C TRP B 38 13.52 -13.73 9.94
N PRO B 39 13.94 -12.88 10.84
CA PRO B 39 15.17 -12.03 10.63
C PRO B 39 16.35 -12.92 10.34
N GLU B 40 17.29 -12.71 9.49
CA GLU B 40 18.52 -13.45 9.25
C GLU B 40 19.69 -12.52 8.94
N TYR B 41 20.93 -12.91 9.12
CA TYR B 41 22.07 -12.01 8.81
C TYR B 41 22.22 -11.85 7.28
N LEU B 42 23.17 -10.92 7.01
CA LEU B 42 23.36 -10.54 5.61
C LEU B 42 24.28 -11.51 4.91
N PRO B 43 23.78 -12.23 3.96
CA PRO B 43 24.57 -13.18 3.18
C PRO B 43 25.62 -12.53 2.31
N ASP B 44 26.71 -13.21 2.00
CA ASP B 44 27.78 -12.64 1.19
C ASP B 44 27.31 -12.32 -0.23
N VAL B 45 26.46 -13.17 -0.71
CA VAL B 45 26.03 -13.04 -2.14
C VAL B 45 25.31 -11.68 -2.26
N ASP B 46 24.75 -11.19 -1.17
CA ASP B 46 24.05 -9.91 -1.15
C ASP B 46 24.88 -8.71 -0.68
N ALA B 47 26.03 -8.94 -0.17
CA ALA B 47 26.95 -7.98 0.37
C ALA B 47 27.59 -7.09 -0.67
N SER B 48 27.94 -5.88 -0.29
CA SER B 48 28.62 -4.92 -1.12
C SER B 48 29.81 -4.30 -0.37
N ASP B 49 29.56 -3.66 0.72
CA ASP B 49 30.68 -3.09 1.56
C ASP B 49 31.65 -4.21 1.89
N VAL B 50 32.98 -4.00 1.78
CA VAL B 50 33.91 -5.10 1.98
C VAL B 50 34.25 -5.30 3.43
N ASN B 51 33.72 -4.48 4.29
CA ASN B 51 34.12 -4.54 5.73
C ASN B 51 33.56 -5.72 6.44
N LYS B 52 34.32 -6.34 7.25
CA LYS B 52 33.76 -7.51 8.11
C LYS B 52 32.75 -6.91 9.00
N THR B 53 31.58 -7.37 9.34
CA THR B 53 30.65 -6.62 10.24
C THR B 53 30.78 -7.00 11.67
N SER B 54 30.17 -6.32 12.62
CA SER B 54 30.37 -6.63 14.08
C SER B 54 29.04 -7.17 14.58
N LYS B 55 29.05 -8.24 15.31
CA LYS B 55 27.68 -8.79 15.67
C LYS B 55 27.67 -8.94 17.18
N PRO B 56 27.31 -7.90 17.88
CA PRO B 56 27.40 -7.85 19.34
C PRO B 56 26.54 -8.92 19.93
N ASP B 57 25.64 -9.55 19.15
CA ASP B 57 24.88 -10.62 19.71
C ASP B 57 24.07 -10.21 20.94
N THR B 58 24.24 -10.97 22.04
CA THR B 58 23.40 -10.86 23.21
C THR B 58 23.43 -9.52 23.88
N SER B 59 24.34 -8.68 23.63
CA SER B 59 24.40 -7.36 24.30
C SER B 59 23.50 -6.40 23.59
N VAL B 60 23.15 -6.56 22.37
CA VAL B 60 22.26 -5.73 21.63
C VAL B 60 20.99 -6.50 21.36
N CYS B 61 21.00 -7.81 21.34
CA CYS B 61 19.71 -8.51 20.95
C CYS B 61 18.94 -8.93 22.14
N ARG B 62 18.49 -8.02 22.95
CA ARG B 62 17.72 -8.29 24.18
C ARG B 62 16.51 -7.38 24.11
N PHE B 63 15.66 -7.39 25.13
CA PHE B 63 14.39 -6.62 25.04
C PHE B 63 14.47 -5.29 25.72
N TYR B 64 14.30 -4.19 25.03
CA TYR B 64 14.21 -2.84 25.69
C TYR B 64 12.75 -2.44 25.84
N THR B 65 12.31 -2.12 27.05
CA THR B 65 10.90 -1.64 27.23
C THR B 65 10.86 -0.15 27.20
N LEU B 66 10.38 0.49 26.18
CA LEU B 66 10.11 1.92 26.10
C LEU B 66 9.13 2.38 27.22
N ASP B 67 9.25 3.68 27.47
CA ASP B 67 8.30 4.27 28.46
C ASP B 67 6.86 4.11 28.14
N SER B 68 6.02 3.96 29.15
CA SER B 68 4.59 3.62 28.88
C SER B 68 3.63 4.58 28.37
N LYS B 69 2.66 4.37 27.60
CA LYS B 69 1.64 5.35 27.14
C LYS B 69 0.34 5.12 27.94
N THR B 70 -0.58 6.10 27.87
CA THR B 70 -1.86 6.00 28.56
C THR B 70 -3.06 6.14 27.63
N TRP B 71 -3.74 5.06 27.50
CA TRP B 71 -4.90 4.99 26.56
C TRP B 71 -6.05 5.55 27.40
N THR B 72 -6.62 6.51 26.80
CA THR B 72 -7.81 7.14 27.39
C THR B 72 -8.79 7.29 26.20
N THR B 73 -9.96 7.62 26.69
CA THR B 73 -11.07 7.68 25.74
C THR B 73 -10.82 8.68 24.69
N GLY B 74 -9.92 9.61 24.93
CA GLY B 74 -9.68 10.53 23.82
C GLY B 74 -8.51 10.22 22.96
N SER B 75 -7.82 9.12 23.17
CA SER B 75 -6.52 8.84 22.47
C SER B 75 -6.66 8.72 21.00
N LYS B 76 -5.77 9.21 20.18
CA LYS B 76 -5.88 9.01 18.74
C LYS B 76 -4.93 7.90 18.30
N GLY B 77 -3.81 7.72 18.90
CA GLY B 77 -2.91 6.57 18.46
C GLY B 77 -1.49 7.02 18.63
N TRP B 78 -0.46 6.22 18.59
CA TRP B 78 0.95 6.67 18.75
C TRP B 78 1.80 6.06 17.65
N CYS B 79 2.92 6.61 17.35
CA CYS B 79 3.75 6.11 16.26
C CYS B 79 5.20 6.18 16.68
N TRP B 80 5.94 5.09 16.56
CA TRP B 80 7.38 5.04 16.84
C TRP B 80 8.11 4.64 15.54
N LYS B 81 9.30 5.09 15.39
CA LYS B 81 10.09 4.70 14.17
C LYS B 81 11.26 3.84 14.63
N LEU B 82 11.71 2.88 13.82
CA LEU B 82 12.87 2.00 14.12
C LEU B 82 13.95 2.22 13.06
N PRO B 83 15.24 2.26 13.39
CA PRO B 83 15.76 2.07 14.72
C PRO B 83 15.69 3.20 15.67
N ASP B 84 15.08 4.32 15.37
CA ASP B 84 15.06 5.52 16.22
C ASP B 84 14.67 5.25 17.68
N ALA B 85 13.48 4.72 17.89
CA ALA B 85 12.99 4.41 19.20
C ALA B 85 14.10 3.81 20.02
N LEU B 86 15.02 3.10 19.48
CA LEU B 86 16.05 2.47 20.33
C LEU B 86 17.34 3.25 20.36
N LYS B 87 17.50 4.39 19.79
CA LYS B 87 18.71 5.20 19.62
C LYS B 87 19.45 5.42 20.90
N ASP B 88 18.84 5.27 22.03
CA ASP B 88 19.42 5.40 23.32
C ASP B 88 19.39 4.19 24.19
N MET B 89 19.07 3.00 23.73
CA MET B 89 19.01 1.85 24.59
C MET B 89 20.35 1.15 24.61
N GLY B 90 20.95 1.20 25.75
CA GLY B 90 22.15 0.41 26.12
C GLY B 90 23.18 0.42 25.03
N VAL B 91 23.81 -0.73 24.82
CA VAL B 91 24.86 -0.81 23.79
C VAL B 91 24.30 -0.83 22.39
N PHE B 92 22.99 -1.04 22.21
CA PHE B 92 22.40 -1.05 20.85
C PHE B 92 22.66 0.36 20.29
N GLY B 93 22.18 1.31 21.07
CA GLY B 93 22.36 2.70 20.73
C GLY B 93 23.78 3.12 20.53
N GLN B 94 24.71 2.69 21.28
CA GLN B 94 26.10 3.19 21.13
C GLN B 94 26.61 2.78 19.74
N ASN B 95 26.40 1.50 19.47
CA ASN B 95 26.84 0.85 18.22
C ASN B 95 26.30 1.64 17.05
N MET B 96 25.04 2.03 17.21
CA MET B 96 24.29 2.79 16.23
C MET B 96 24.97 4.07 15.88
N PHE B 97 25.39 4.88 16.85
CA PHE B 97 26.03 6.17 16.60
C PHE B 97 27.47 6.06 16.16
N PHE B 98 28.13 4.99 16.52
CA PHE B 98 29.50 4.70 16.25
C PHE B 98 29.70 3.99 14.93
N HIS B 99 28.85 3.24 14.29
CA HIS B 99 29.21 2.69 12.97
C HIS B 99 28.52 3.48 11.86
N SER B 100 29.12 3.53 10.75
CA SER B 100 28.65 4.09 9.51
C SER B 100 27.41 3.38 8.99
N LEU B 101 27.26 2.12 9.17
CA LEU B 101 26.15 1.32 8.62
C LEU B 101 25.69 0.29 9.60
N GLY B 102 24.50 -0.17 9.57
CA GLY B 102 24.13 -1.24 10.62
C GLY B 102 22.90 -1.88 9.98
N ARG B 103 22.43 -2.93 10.54
CA ARG B 103 21.21 -3.61 9.93
C ARG B 103 20.58 -4.40 11.03
N SER B 104 19.23 -4.53 11.05
CA SER B 104 18.63 -5.28 12.18
C SER B 104 17.22 -5.72 11.94
N GLY B 105 16.74 -6.74 12.57
CA GLY B 105 15.33 -7.16 12.51
C GLY B 105 14.85 -6.92 13.95
N TYR B 106 13.59 -7.11 14.30
CA TYR B 106 13.17 -6.88 15.70
C TYR B 106 12.05 -7.82 16.08
N THR B 107 11.89 -8.05 17.38
CA THR B 107 10.67 -8.65 17.89
C THR B 107 9.93 -7.51 18.62
N VAL B 108 8.74 -7.14 18.28
CA VAL B 108 7.95 -6.07 18.93
C VAL B 108 6.88 -6.72 19.77
N HIS B 109 6.77 -6.37 21.02
CA HIS B 109 5.72 -7.03 21.89
C HIS B 109 4.87 -5.94 22.48
N VAL B 110 3.69 -5.61 22.08
CA VAL B 110 2.86 -4.50 22.66
C VAL B 110 1.92 -5.08 23.70
N GLN B 111 1.86 -4.51 24.88
CA GLN B 111 1.12 -5.01 26.03
C GLN B 111 0.01 -4.09 26.54
N CYS B 112 -1.18 -4.65 26.75
CA CYS B 112 -2.25 -3.86 27.34
C CYS B 112 -3.27 -4.75 28.01
N ASN B 113 -3.29 -4.86 29.30
CA ASN B 113 -4.29 -5.77 29.94
C ASN B 113 -5.41 -4.98 30.64
N ALA B 114 -6.57 -5.53 30.81
CA ALA B 114 -7.74 -4.84 31.34
C ALA B 114 -8.55 -5.83 32.16
N THR B 115 -9.84 -5.93 32.05
CA THR B 115 -10.58 -7.01 32.78
C THR B 115 -11.70 -7.47 31.87
N LYS B 116 -12.48 -8.49 32.28
CA LYS B 116 -13.55 -8.96 31.35
C LYS B 116 -14.74 -8.00 31.32
N PHE B 117 -14.63 -6.82 31.88
CA PHE B 117 -15.75 -5.85 31.80
C PHE B 117 -15.36 -4.72 30.86
N HIS B 118 -14.03 -4.59 30.60
CA HIS B 118 -13.61 -3.52 29.65
C HIS B 118 -13.86 -3.92 28.20
N SER B 119 -13.86 -3.02 27.28
CA SER B 119 -13.98 -3.19 25.83
C SER B 119 -12.97 -2.17 25.23
N GLY B 120 -12.63 -2.41 24.05
CA GLY B 120 -11.62 -1.47 23.37
C GLY B 120 -10.81 -2.42 22.45
N CYS B 121 -10.25 -1.91 21.42
CA CYS B 121 -9.48 -2.74 20.51
C CYS B 121 -8.40 -1.94 19.85
N LEU B 122 -7.12 -2.21 19.95
CA LEU B 122 -6.04 -1.42 19.35
C LEU B 122 -5.58 -2.10 18.06
N LEU B 123 -5.14 -1.44 17.05
CA LEU B 123 -4.52 -2.08 15.86
C LEU B 123 -3.01 -1.95 16.06
N VAL B 124 -2.20 -2.91 15.98
CA VAL B 124 -0.74 -2.81 16.12
C VAL B 124 -0.16 -3.10 14.75
N VAL B 125 0.42 -2.20 14.02
CA VAL B 125 0.83 -2.47 12.63
C VAL B 125 2.22 -2.02 12.38
N VAL B 126 2.94 -2.69 11.49
CA VAL B 126 4.33 -2.28 11.15
C VAL B 126 4.33 -1.81 9.72
N ILE B 127 4.71 -0.60 9.40
CA ILE B 127 4.68 -0.12 8.01
C ILE B 127 6.07 0.07 7.44
N PRO B 128 6.52 -0.74 6.47
CA PRO B 128 7.87 -0.57 5.92
C PRO B 128 7.83 0.72 5.14
N GLU B 129 8.86 1.53 5.27
CA GLU B 129 9.06 2.82 4.68
C GLU B 129 7.94 3.79 4.82
N HIS B 130 7.47 4.10 5.96
CA HIS B 130 6.41 5.04 6.25
C HIS B 130 6.79 6.50 6.08
N GLN B 131 6.84 7.02 4.89
CA GLN B 131 7.22 8.43 4.61
C GLN B 131 6.03 9.28 5.04
N LEU B 132 6.18 10.15 5.99
CA LEU B 132 5.08 10.97 6.58
C LEU B 132 4.75 12.15 5.68
N ALA B 133 3.64 12.79 5.89
CA ALA B 133 3.23 13.99 5.09
C ALA B 133 3.34 15.22 5.96
N SER B 134 3.62 16.36 5.35
CA SER B 134 3.66 17.64 6.11
C SER B 134 2.21 18.08 6.26
N HIS B 135 1.76 18.55 7.36
CA HIS B 135 0.36 19.08 7.45
C HIS B 135 0.25 20.37 6.66
N GLU B 136 1.31 21.07 6.33
CA GLU B 136 1.23 22.25 5.51
C GLU B 136 0.73 22.02 4.10
N GLY B 137 0.82 20.85 3.56
CA GLY B 137 0.42 20.58 2.15
C GLY B 137 1.57 20.95 1.21
N GLY B 138 1.22 21.19 -0.03
CA GLY B 138 2.23 21.62 -1.02
C GLY B 138 3.43 20.77 -1.05
N ASN B 139 4.60 21.28 -0.84
CA ASN B 139 5.82 20.41 -0.83
C ASN B 139 6.64 20.80 0.37
N VAL B 140 5.93 21.16 1.43
CA VAL B 140 6.62 21.50 2.72
C VAL B 140 7.29 20.21 3.19
N SER B 141 8.50 20.27 3.70
CA SER B 141 9.14 18.97 4.15
C SER B 141 8.81 18.72 5.61
N VAL B 142 9.16 17.61 6.18
CA VAL B 142 8.97 17.30 7.57
C VAL B 142 10.38 17.25 8.16
N LYS B 143 10.75 18.19 8.99
CA LYS B 143 12.10 18.24 9.50
C LYS B 143 12.40 16.97 10.35
N TYR B 144 13.68 16.67 10.29
CA TYR B 144 14.43 15.59 10.87
C TYR B 144 13.99 15.29 12.29
N THR B 145 14.22 16.26 13.10
CA THR B 145 13.75 16.11 14.51
C THR B 145 12.35 15.60 14.55
N PHE B 146 11.47 16.09 13.76
CA PHE B 146 10.09 15.60 13.84
C PHE B 146 9.90 14.16 13.50
N THR B 147 10.73 13.54 12.73
CA THR B 147 10.60 12.16 12.35
C THR B 147 11.61 11.36 13.15
N HIS B 148 12.17 11.89 14.18
CA HIS B 148 13.09 11.16 15.03
C HIS B 148 12.76 11.41 16.50
N PRO B 149 11.51 11.20 16.88
CA PRO B 149 11.06 11.41 18.21
C PRO B 149 11.75 10.58 19.23
N GLY B 150 12.47 9.56 18.87
CA GLY B 150 13.17 8.77 19.95
C GLY B 150 12.09 7.95 20.65
N GLU B 151 12.42 7.59 21.86
CA GLU B 151 11.59 6.57 22.61
C GLU B 151 10.24 7.15 22.84
N ARG B 152 10.11 8.44 22.83
CA ARG B 152 8.83 9.12 23.06
C ARG B 152 7.82 8.82 21.99
N GLY B 153 8.30 8.66 20.76
CA GLY B 153 7.44 8.36 19.59
C GLY B 153 6.64 9.62 19.31
N ILE B 154 5.75 9.59 18.43
CA ILE B 154 4.89 10.65 17.99
C ILE B 154 3.49 10.42 18.55
N ASP B 155 2.81 11.39 19.08
CA ASP B 155 1.49 11.24 19.67
C ASP B 155 0.51 11.95 18.73
N LEU B 156 -0.20 11.08 18.08
CA LEU B 156 -1.18 11.49 17.07
C LEU B 156 -2.26 12.35 17.64
N SER B 157 -2.27 12.64 18.89
CA SER B 157 -3.38 13.52 19.40
C SER B 157 -2.74 14.79 19.91
N SER B 158 -1.45 14.92 19.67
CA SER B 158 -0.70 16.15 19.98
C SER B 158 -1.05 17.15 18.89
N ALA B 159 -0.66 18.39 19.04
CA ALA B 159 -1.00 19.42 18.03
C ALA B 159 -0.07 19.51 16.85
N ASN B 160 -0.59 19.99 15.71
CA ASN B 160 0.36 20.20 14.57
C ASN B 160 1.49 21.08 15.07
N GLU B 161 2.69 20.81 14.65
CA GLU B 161 3.82 21.75 15.02
C GLU B 161 4.48 22.13 13.70
N VAL B 162 5.48 22.99 13.77
CA VAL B 162 5.91 23.57 12.42
C VAL B 162 7.08 22.76 11.99
N GLY B 163 6.94 22.11 10.85
CA GLY B 163 8.11 21.33 10.36
C GLY B 163 7.91 19.88 10.76
N GLY B 164 6.83 19.71 11.48
CA GLY B 164 6.43 18.34 11.90
C GLY B 164 5.47 17.76 10.84
N PRO B 165 5.13 16.47 11.03
CA PRO B 165 4.19 15.76 10.16
C PRO B 165 2.76 16.07 10.53
N VAL B 166 1.84 15.68 9.70
CA VAL B 166 0.36 15.80 9.97
C VAL B 166 0.00 14.69 10.95
N LYS B 167 -1.02 14.82 11.80
CA LYS B 167 -1.24 13.70 12.78
C LYS B 167 -2.64 13.17 12.70
N ASP B 168 -3.26 13.35 11.60
CA ASP B 168 -4.64 12.93 11.30
C ASP B 168 -4.76 11.45 11.22
N VAL B 169 -5.31 10.67 12.05
CA VAL B 169 -5.44 9.24 11.97
C VAL B 169 -6.22 8.68 10.77
N VAL B 170 -7.21 8.94 10.38
CA VAL B 170 -7.90 8.24 9.28
C VAL B 170 -7.12 8.36 7.95
N TYR B 171 -6.01 9.14 8.01
CA TYR B 171 -5.12 9.12 6.83
C TYR B 171 -3.74 8.55 7.02
N ASN B 172 -3.41 7.78 8.07
CA ASN B 172 -2.15 7.13 8.28
C ASN B 172 -0.98 8.10 8.20
N MET B 173 -1.17 9.38 8.37
CA MET B 173 -0.03 10.33 8.27
C MET B 173 0.55 10.35 6.86
N ASN B 174 -0.20 9.89 5.86
CA ASN B 174 0.30 9.95 4.49
C ASN B 174 -0.72 9.94 3.38
N GLY B 175 -1.97 10.18 3.48
CA GLY B 175 -2.81 10.21 2.33
C GLY B 175 -3.37 8.86 2.01
N THR B 176 -3.39 7.95 2.93
CA THR B 176 -4.07 6.60 2.69
C THR B 176 -5.06 6.36 3.78
N LEU B 177 -6.05 5.53 3.63
CA LEU B 177 -7.09 5.40 4.69
C LEU B 177 -6.76 4.40 5.77
N LEU B 178 -7.05 4.70 7.04
CA LEU B 178 -6.83 3.85 8.19
C LEU B 178 -7.31 2.43 7.91
N GLY B 179 -8.49 2.28 7.41
CA GLY B 179 -9.05 1.00 7.04
C GLY B 179 -8.15 0.11 6.27
N ASN B 180 -7.22 0.52 5.45
CA ASN B 180 -6.39 -0.34 4.63
C ASN B 180 -5.04 -0.62 5.18
N LEU B 181 -4.77 -0.33 6.37
CA LEU B 181 -3.47 -0.53 7.03
C LEU B 181 -3.34 -2.03 7.25
N LEU B 182 -4.44 -2.71 7.11
CA LEU B 182 -4.49 -4.16 7.33
C LEU B 182 -3.69 -4.85 6.25
N ILE B 183 -3.37 -4.17 5.10
CA ILE B 183 -2.48 -4.86 4.15
C ILE B 183 -1.06 -4.98 4.76
N PHE B 184 -0.69 -4.24 5.80
CA PHE B 184 0.65 -4.37 6.43
C PHE B 184 0.61 -5.41 7.56
N PRO B 185 1.73 -6.09 7.82
CA PRO B 185 1.75 -7.11 8.92
C PRO B 185 1.15 -6.46 10.14
N HIS B 186 0.16 -7.01 10.74
CA HIS B 186 -0.42 -6.32 11.93
C HIS B 186 -1.13 -7.32 12.78
N GLN B 187 -1.54 -6.86 13.93
CA GLN B 187 -2.29 -7.85 14.89
C GLN B 187 -3.18 -6.97 15.71
N PHE B 188 -4.33 -7.32 16.22
CA PHE B 188 -5.23 -6.44 16.99
C PHE B 188 -5.02 -6.79 18.45
N ILE B 189 -5.30 -5.94 19.38
CA ILE B 189 -5.33 -6.28 20.84
C ILE B 189 -6.80 -6.02 21.21
N ASN B 190 -7.63 -6.98 21.33
CA ASN B 190 -9.12 -6.72 21.63
C ASN B 190 -9.26 -7.19 23.10
N LEU B 191 -9.50 -6.24 23.98
CA LEU B 191 -9.44 -6.52 25.43
C LEU B 191 -10.15 -7.80 25.72
N ARG B 192 -11.21 -8.07 25.01
CA ARG B 192 -11.98 -9.28 25.24
C ARG B 192 -11.26 -10.54 24.83
N THR B 193 -10.20 -10.56 24.07
CA THR B 193 -9.54 -11.70 23.53
C THR B 193 -8.12 -11.88 23.98
N ASN B 194 -7.28 -11.07 23.60
CA ASN B 194 -5.99 -10.62 23.55
C ASN B 194 -5.45 -9.74 24.61
N ASN B 195 -4.21 -9.69 25.01
CA ASN B 195 -3.69 -8.68 25.97
C ASN B 195 -2.33 -8.22 25.43
N THR B 196 -1.76 -8.94 24.50
CA THR B 196 -0.52 -8.52 23.84
C THR B 196 -0.66 -8.76 22.36
N ALA B 197 0.27 -8.23 21.60
CA ALA B 197 0.47 -8.32 20.13
C ALA B 197 1.98 -8.55 19.96
N THR B 198 2.42 -9.45 19.13
CA THR B 198 3.84 -9.68 18.88
C THR B 198 4.06 -9.80 17.39
N ILE B 199 4.99 -9.04 16.88
CA ILE B 199 5.30 -9.08 15.45
C ILE B 199 6.79 -9.26 15.30
N VAL B 200 7.28 -10.16 14.49
CA VAL B 200 8.75 -10.34 14.22
C VAL B 200 9.00 -9.66 12.90
N ILE B 201 9.93 -8.74 12.85
CA ILE B 201 10.24 -7.94 11.65
C ILE B 201 11.61 -8.32 11.08
N PRO B 202 11.61 -8.86 9.88
CA PRO B 202 12.85 -9.15 9.15
C PRO B 202 13.37 -7.83 8.62
N TYR B 203 14.57 -7.64 8.26
CA TYR B 203 15.15 -6.41 7.75
C TYR B 203 14.64 -6.14 6.36
N ILE B 204 13.94 -5.09 6.02
CA ILE B 204 13.38 -4.86 4.67
C ILE B 204 13.95 -3.61 4.06
N ASN B 205 14.75 -3.63 3.09
CA ASN B 205 15.36 -2.43 2.47
C ASN B 205 15.71 -2.73 1.02
N SER B 206 16.05 -1.72 0.22
CA SER B 206 16.40 -1.85 -1.19
C SER B 206 17.95 -1.85 -1.30
N VAL B 207 18.62 -1.74 -0.19
CA VAL B 207 20.08 -1.87 -0.12
C VAL B 207 20.42 -2.87 0.97
N PRO B 208 21.58 -3.51 0.89
CA PRO B 208 21.90 -4.59 1.82
C PRO B 208 22.11 -4.17 3.26
N ILE B 209 22.48 -2.98 3.49
CA ILE B 209 22.79 -2.36 4.78
C ILE B 209 22.70 -0.85 4.51
N ASP B 210 22.36 -0.11 5.50
CA ASP B 210 22.10 1.32 5.32
C ASP B 210 22.58 2.11 6.50
N SER B 211 22.31 3.38 6.54
CA SER B 211 22.66 4.20 7.71
C SER B 211 21.58 4.09 8.74
N MET B 212 21.88 3.99 10.00
CA MET B 212 20.79 3.85 11.00
C MET B 212 20.25 5.17 11.41
N THR B 213 20.91 6.26 11.08
CA THR B 213 20.44 7.56 11.57
C THR B 213 19.78 8.27 10.49
N ARG B 214 20.14 8.26 9.23
CA ARG B 214 19.38 9.11 8.27
C ARG B 214 18.19 8.40 7.74
N HIS B 215 17.97 7.16 8.08
CA HIS B 215 16.76 6.49 7.47
C HIS B 215 16.11 5.49 8.42
N ASN B 216 14.85 5.61 8.71
CA ASN B 216 14.16 4.68 9.61
C ASN B 216 13.49 3.69 8.65
N ASN B 217 13.47 2.42 8.97
CA ASN B 217 12.93 1.50 7.96
C ASN B 217 11.61 0.97 8.36
N VAL B 218 11.06 1.20 9.51
CA VAL B 218 9.65 0.78 9.79
C VAL B 218 9.09 1.79 10.81
N SER B 219 7.82 1.98 10.75
CA SER B 219 7.19 2.76 11.89
C SER B 219 6.29 1.66 12.52
N LEU B 220 6.28 1.59 13.77
CA LEU B 220 5.35 0.70 14.54
C LEU B 220 4.21 1.64 14.87
N MET B 221 3.00 1.31 14.75
CA MET B 221 1.88 2.23 15.05
C MET B 221 0.89 1.53 15.93
N VAL B 222 0.47 2.08 17.03
CA VAL B 222 -0.58 1.44 17.89
C VAL B 222 -1.75 2.43 17.80
N ILE B 223 -2.90 2.05 17.32
CA ILE B 223 -4.06 2.96 17.14
C ILE B 223 -5.30 2.46 17.76
N PRO B 224 -5.90 3.15 18.73
CA PRO B 224 -7.21 2.65 19.29
C PRO B 224 -8.21 2.68 18.14
N ILE B 225 -8.99 1.72 17.87
CA ILE B 225 -10.02 1.70 16.83
C ILE B 225 -11.39 1.57 17.49
N ALA B 226 -11.62 0.59 18.31
CA ALA B 226 -12.88 0.56 19.09
C ALA B 226 -12.38 1.24 20.41
N PRO B 227 -12.98 2.37 20.69
CA PRO B 227 -12.68 3.19 21.86
C PRO B 227 -12.65 2.40 23.14
N LEU B 228 -11.83 2.89 24.06
CA LEU B 228 -11.73 2.18 25.39
C LEU B 228 -13.02 2.41 26.13
N THR B 229 -13.60 1.40 26.67
CA THR B 229 -14.84 1.60 27.49
C THR B 229 -14.68 0.92 28.82
N VAL B 230 -14.48 1.67 29.91
CA VAL B 230 -14.26 0.95 31.20
C VAL B 230 -15.55 0.68 31.92
N PRO B 231 -15.49 -0.33 32.79
CA PRO B 231 -16.67 -0.66 33.62
C PRO B 231 -17.00 0.57 34.44
N THR B 232 -18.19 0.61 34.93
CA THR B 232 -18.77 1.67 35.69
C THR B 232 -17.97 2.05 36.93
N GLY B 233 -17.74 3.39 36.87
CA GLY B 233 -16.90 3.96 37.97
C GLY B 233 -15.52 3.34 38.00
N ALA B 234 -15.05 2.86 36.87
CA ALA B 234 -13.65 2.39 36.80
C ALA B 234 -12.87 3.64 36.44
N THR B 235 -11.59 3.64 36.70
CA THR B 235 -10.80 4.73 36.14
C THR B 235 -10.87 4.63 34.61
N PRO B 236 -11.06 5.71 34.05
CA PRO B 236 -11.20 5.70 32.55
C PRO B 236 -9.89 5.62 31.86
N SER B 237 -8.93 4.83 32.23
CA SER B 237 -7.75 4.72 31.27
C SER B 237 -6.98 3.47 31.54
N LEU B 238 -6.17 3.02 30.60
CA LEU B 238 -5.26 1.83 30.74
C LEU B 238 -3.90 2.22 30.23
N PRO B 239 -2.81 1.76 30.76
CA PRO B 239 -1.45 2.07 30.16
C PRO B 239 -1.23 1.11 29.03
N ILE B 240 -0.50 1.47 28.04
CA ILE B 240 -0.09 0.53 26.93
C ILE B 240 1.45 0.47 27.04
N THR B 241 2.13 -0.63 27.09
CA THR B 241 3.61 -0.63 27.11
C THR B 241 4.20 -1.21 25.87
N VAL B 242 5.25 -0.68 25.30
CA VAL B 242 5.85 -1.32 24.07
C VAL B 242 7.20 -1.86 24.44
N THR B 243 7.53 -3.13 24.31
CA THR B 243 8.92 -3.66 24.56
C THR B 243 9.45 -4.12 23.22
N ILE B 244 10.58 -3.78 22.76
CA ILE B 244 11.16 -4.14 21.46
C ILE B 244 12.59 -4.68 21.56
N ALA B 245 12.91 -5.75 20.83
CA ALA B 245 14.27 -6.33 20.88
C ALA B 245 14.92 -6.40 19.54
N PRO B 246 16.03 -5.76 19.31
CA PRO B 246 16.78 -5.94 18.04
C PRO B 246 17.12 -7.43 17.96
N MET B 247 17.15 -7.90 16.71
CA MET B 247 17.50 -9.35 16.50
C MET B 247 18.24 -9.42 15.17
N CYS B 248 19.26 -10.29 15.22
CA CYS B 248 20.30 -10.47 14.23
C CYS B 248 20.97 -9.12 13.89
N THR B 249 21.29 -8.28 14.77
CA THR B 249 21.91 -6.99 14.46
C THR B 249 23.31 -7.10 14.00
N GLU B 250 23.69 -6.30 13.00
CA GLU B 250 25.09 -6.26 12.50
C GLU B 250 25.45 -4.77 12.27
N PHE B 251 26.65 -4.43 12.65
CA PHE B 251 27.11 -3.04 12.46
C PHE B 251 28.33 -3.12 11.61
N SER B 252 28.58 -2.14 10.81
CA SER B 252 29.78 -2.12 9.94
C SER B 252 30.22 -0.71 9.67
N GLY B 253 31.54 -0.55 9.45
CA GLY B 253 32.13 0.79 9.17
C GLY B 253 32.20 1.63 10.41
N ILE B 254 33.02 1.22 11.38
CA ILE B 254 33.22 1.84 12.65
C ILE B 254 34.19 3.02 12.49
N ARG B 255 33.95 3.98 13.35
CA ARG B 255 34.72 5.23 13.31
C ARG B 255 34.42 6.15 14.48
N SER B 256 34.24 7.39 14.10
CA SER B 256 34.23 8.47 15.03
C SER B 256 32.93 8.62 15.68
N LYS B 257 31.78 8.29 15.30
CA LYS B 257 30.58 8.62 16.21
C LYS B 257 29.79 9.81 15.68
N SER B 258 28.68 9.54 15.03
CA SER B 258 27.85 10.47 14.37
C SER B 258 27.33 11.51 15.36
N ILE B 259 27.16 12.69 14.76
CA ILE B 259 26.53 13.84 15.55
C ILE B 259 25.23 14.18 14.85
N VAL B 260 24.09 14.07 15.49
CA VAL B 260 22.87 14.30 14.57
C VAL B 260 22.13 15.48 15.12
N PRO B 261 21.41 16.18 14.26
CA PRO B 261 20.61 17.27 14.68
C PRO B 261 19.83 16.96 15.95
N GLN B 262 19.84 18.08 16.71
CA GLN B 262 19.11 18.42 17.90
C GLN B 262 19.49 17.55 19.06
N GLY C 1 17.71 -6.48 -51.91
CA GLY C 1 16.30 -5.93 -51.45
C GLY C 1 15.01 -6.64 -51.45
N LEU C 2 14.46 -7.20 -50.33
CA LEU C 2 13.25 -8.00 -50.26
C LEU C 2 11.96 -7.26 -50.38
N PRO C 3 11.04 -7.54 -51.30
CA PRO C 3 9.78 -6.77 -51.49
C PRO C 3 8.82 -6.85 -50.36
N THR C 4 8.29 -5.78 -49.83
CA THR C 4 7.34 -5.68 -48.74
C THR C 4 6.14 -4.83 -49.15
N THR C 5 5.09 -4.90 -48.36
CA THR C 5 3.86 -4.12 -48.48
C THR C 5 3.45 -3.57 -47.12
N THR C 6 3.17 -2.32 -46.87
CA THR C 6 2.84 -2.02 -45.39
C THR C 6 1.40 -2.05 -45.18
N LEU C 7 0.90 -2.51 -44.03
CA LEU C 7 -0.58 -2.63 -43.82
C LEU C 7 -1.12 -1.38 -43.08
N PRO C 8 -2.45 -1.33 -43.08
CA PRO C 8 -3.15 -0.31 -42.31
C PRO C 8 -2.61 -0.43 -40.88
N GLY C 9 -2.35 0.63 -40.19
CA GLY C 9 -1.92 0.62 -38.79
C GLY C 9 -0.43 0.94 -38.70
N SER C 10 0.23 0.87 -39.85
CA SER C 10 1.68 1.21 -39.81
C SER C 10 1.83 2.60 -39.18
N GLY C 11 2.90 2.77 -38.48
CA GLY C 11 3.21 3.96 -37.75
C GLY C 11 2.33 4.23 -36.60
N GLN C 12 1.33 3.51 -36.24
CA GLN C 12 0.50 3.91 -35.06
C GLN C 12 1.22 3.64 -33.79
N PHE C 13 0.89 4.27 -32.71
CA PHE C 13 1.44 4.00 -31.33
C PHE C 13 0.26 3.51 -30.46
N LEU C 14 0.24 2.27 -30.08
CA LEU C 14 -0.89 1.72 -29.28
C LEU C 14 -0.36 1.55 -27.88
N THR C 15 -0.81 2.22 -26.85
CA THR C 15 -0.09 2.18 -25.55
C THR C 15 0.01 0.80 -25.00
N THR C 16 -0.68 -0.19 -25.50
CA THR C 16 -0.79 -1.56 -25.02
C THR C 16 -0.10 -2.64 -25.76
N ASP C 17 0.64 -2.33 -26.81
CA ASP C 17 1.33 -3.24 -27.67
C ASP C 17 2.62 -3.62 -26.94
N ASP C 18 3.31 -4.69 -27.28
CA ASP C 18 4.52 -5.10 -26.55
C ASP C 18 5.60 -5.55 -27.51
N ARG C 19 6.53 -4.70 -27.83
CA ARG C 19 7.56 -5.03 -28.82
C ARG C 19 8.96 -4.68 -28.32
N GLN C 20 9.96 -5.01 -29.17
CA GLN C 20 11.37 -4.74 -28.80
C GLN C 20 11.77 -3.32 -29.21
N SER C 21 12.72 -2.73 -28.61
CA SER C 21 13.25 -1.42 -28.84
C SER C 21 14.73 -1.44 -28.65
N PRO C 22 15.38 -0.55 -29.33
CA PRO C 22 16.87 -0.41 -29.06
C PRO C 22 17.10 0.11 -27.65
N SER C 23 18.14 -0.38 -26.96
CA SER C 23 18.49 0.18 -25.65
C SER C 23 19.32 1.46 -25.86
N ALA C 24 18.98 2.55 -25.20
CA ALA C 24 19.73 3.80 -25.26
C ALA C 24 21.10 3.66 -24.57
N LEU C 25 21.26 2.89 -23.58
CA LEU C 25 22.41 2.59 -22.81
C LEU C 25 22.96 1.16 -23.14
N PRO C 26 23.59 1.07 -24.28
CA PRO C 26 24.18 -0.20 -24.70
C PRO C 26 25.27 -0.52 -23.67
N ASN C 27 25.21 -1.75 -23.25
CA ASN C 27 26.13 -2.42 -22.41
C ASN C 27 26.25 -2.16 -20.94
N TYR C 28 25.36 -1.44 -20.45
CA TYR C 28 25.24 -0.99 -19.06
C TYR C 28 24.87 -2.15 -18.18
N GLU C 29 25.38 -2.25 -17.04
CA GLU C 29 25.13 -3.31 -16.10
C GLU C 29 24.36 -2.93 -14.91
N PRO C 30 23.10 -3.38 -14.80
CA PRO C 30 22.24 -2.95 -13.67
C PRO C 30 22.70 -3.42 -12.32
N THR C 31 22.33 -2.76 -11.22
CA THR C 31 22.71 -3.20 -9.88
C THR C 31 22.15 -4.57 -9.61
N PRO C 32 22.92 -5.40 -8.94
CA PRO C 32 22.51 -6.79 -8.61
C PRO C 32 21.22 -6.79 -7.85
N ARG C 33 20.39 -7.78 -7.93
CA ARG C 33 19.15 -7.74 -7.04
C ARG C 33 19.54 -8.28 -5.68
N ILE C 34 19.06 -7.82 -4.57
CA ILE C 34 19.37 -8.50 -3.26
C ILE C 34 18.01 -9.08 -2.88
N HIS C 35 17.86 -9.75 -1.81
CA HIS C 35 16.54 -10.37 -1.49
C HIS C 35 15.68 -9.40 -0.74
N ILE C 36 14.44 -9.26 -0.96
CA ILE C 36 13.63 -8.26 -0.12
C ILE C 36 12.41 -9.07 0.24
N PRO C 37 11.95 -9.23 1.44
CA PRO C 37 10.72 -9.98 1.74
C PRO C 37 9.57 -9.28 1.05
N GLY C 38 8.41 -9.86 0.85
CA GLY C 38 7.26 -9.26 0.34
C GLY C 38 6.96 -9.16 -1.05
N LYS C 39 7.49 -9.91 -1.98
CA LYS C 39 7.27 -9.73 -3.45
C LYS C 39 5.84 -10.05 -3.79
N VAL C 40 5.25 -9.19 -4.64
CA VAL C 40 3.84 -9.38 -5.11
C VAL C 40 3.88 -9.86 -6.53
N HIS C 41 3.12 -10.83 -6.96
CA HIS C 41 3.14 -11.17 -8.37
C HIS C 41 1.81 -10.84 -9.02
N ASN C 42 0.71 -11.05 -8.40
CA ASN C 42 -0.61 -10.84 -9.00
C ASN C 42 -1.43 -9.93 -8.11
N LEU C 43 -2.25 -9.09 -8.67
CA LEU C 43 -3.12 -8.27 -7.77
C LEU C 43 -4.07 -9.25 -7.08
N LEU C 44 -4.22 -10.44 -7.63
CA LEU C 44 -5.14 -11.45 -7.03
C LEU C 44 -4.52 -11.90 -5.73
N GLU C 45 -3.20 -11.74 -5.57
CA GLU C 45 -2.64 -12.21 -4.29
C GLU C 45 -3.07 -11.30 -3.17
N ILE C 46 -3.05 -10.02 -3.41
CA ILE C 46 -3.36 -9.06 -2.36
C ILE C 46 -4.81 -8.86 -2.08
N ILE C 47 -5.75 -8.94 -3.01
CA ILE C 47 -7.17 -8.73 -2.68
C ILE C 47 -7.71 -9.85 -1.79
N GLN C 48 -6.93 -10.85 -1.41
CA GLN C 48 -7.38 -11.88 -0.47
C GLN C 48 -7.03 -11.50 0.95
N VAL C 49 -6.26 -10.49 1.18
CA VAL C 49 -6.02 -9.98 2.58
C VAL C 49 -7.22 -9.14 2.95
N ASP C 50 -7.79 -9.35 4.13
CA ASP C 50 -9.02 -8.54 4.43
C ASP C 50 -8.61 -7.19 5.02
N THR C 51 -9.43 -6.21 4.75
CA THR C 51 -9.33 -4.84 5.25
C THR C 51 -10.72 -4.42 5.73
N LEU C 52 -10.74 -3.44 6.58
CA LEU C 52 -11.90 -2.89 7.25
C LEU C 52 -12.80 -2.14 6.28
N ILE C 53 -14.08 -2.20 6.41
CA ILE C 53 -15.10 -1.49 5.64
C ILE C 53 -15.70 -0.34 6.44
N PRO C 54 -15.66 0.86 5.95
CA PRO C 54 -16.30 1.99 6.71
C PRO C 54 -17.79 1.80 6.57
N MET C 55 -18.40 0.84 7.22
CA MET C 55 -19.80 0.52 7.09
C MET C 55 -20.74 1.59 7.61
N ASN C 56 -20.37 2.23 8.68
CA ASN C 56 -21.02 3.28 9.37
C ASN C 56 -20.81 4.67 8.76
N ASN C 57 -20.73 4.75 7.46
CA ASN C 57 -20.82 5.82 6.61
C ASN C 57 -21.67 7.07 6.87
N THR C 58 -22.46 7.12 7.83
CA THR C 58 -23.39 8.10 8.23
C THR C 58 -22.78 9.35 8.74
N HIS C 59 -21.49 9.38 8.93
CA HIS C 59 -20.92 10.68 9.39
C HIS C 59 -20.87 11.66 8.22
N THR C 60 -20.38 12.83 8.62
CA THR C 60 -20.26 13.96 7.74
C THR C 60 -18.90 14.38 7.35
N LYS C 61 -17.87 13.88 7.98
CA LYS C 61 -16.45 14.13 7.55
C LYS C 61 -15.77 12.78 7.81
N ASP C 62 -14.73 12.34 7.18
CA ASP C 62 -14.20 10.98 7.40
C ASP C 62 -13.75 10.85 8.86
N GLU C 63 -14.17 9.83 9.53
CA GLU C 63 -13.76 9.61 10.94
C GLU C 63 -13.62 8.15 11.28
N VAL C 64 -12.81 7.84 12.31
CA VAL C 64 -12.49 6.48 12.71
C VAL C 64 -13.76 5.75 13.09
N ASN C 65 -14.82 6.41 13.09
CA ASN C 65 -16.05 5.99 13.70
C ASN C 65 -16.97 5.38 12.75
N SER C 66 -16.50 5.52 11.51
CA SER C 66 -17.43 5.02 10.41
C SER C 66 -16.98 3.61 10.10
N TYR C 67 -15.95 3.18 10.88
CA TYR C 67 -15.50 1.79 10.79
C TYR C 67 -16.26 1.01 11.87
N LEU C 68 -16.88 1.70 12.82
CA LEU C 68 -17.54 1.03 13.94
C LEU C 68 -19.03 0.87 13.72
N ILE C 69 -19.53 -0.36 13.67
CA ILE C 69 -20.98 -0.67 13.62
C ILE C 69 -21.46 -0.79 15.04
N PRO C 70 -22.36 0.05 15.50
CA PRO C 70 -22.74 -0.02 16.95
C PRO C 70 -23.80 -1.08 17.14
N LEU C 71 -23.86 -1.57 18.35
CA LEU C 71 -24.81 -2.60 18.79
C LEU C 71 -25.46 -2.06 20.08
N ASN C 72 -26.74 -2.23 20.25
CA ASN C 72 -27.48 -1.81 21.43
C ASN C 72 -27.88 -2.92 22.33
N ALA C 73 -27.65 -2.90 23.65
CA ALA C 73 -28.10 -4.03 24.53
C ALA C 73 -29.61 -4.16 24.58
N ASN C 74 -30.07 -5.32 24.93
CA ASN C 74 -31.47 -5.60 24.95
C ASN C 74 -32.31 -5.24 23.79
N ARG C 75 -31.96 -5.07 22.58
CA ARG C 75 -33.01 -4.92 21.48
C ARG C 75 -33.24 -6.37 20.95
N GLN C 76 -34.36 -6.67 20.49
CA GLN C 76 -34.81 -8.01 20.02
C GLN C 76 -35.14 -7.87 18.55
N ASN C 77 -35.39 -8.86 17.78
CA ASN C 77 -35.85 -8.79 16.41
C ASN C 77 -35.29 -7.76 15.53
N GLU C 78 -34.63 -6.73 15.82
CA GLU C 78 -34.25 -5.55 15.00
C GLU C 78 -33.11 -5.61 14.08
N GLN C 79 -32.82 -4.60 13.24
CA GLN C 79 -31.78 -4.69 12.23
C GLN C 79 -30.52 -3.93 12.54
N VAL C 80 -29.33 -4.57 12.48
CA VAL C 80 -28.05 -3.95 12.79
C VAL C 80 -27.49 -3.10 11.67
N PHE C 81 -27.55 -3.46 10.45
CA PHE C 81 -26.97 -2.64 9.34
C PHE C 81 -27.51 -3.18 8.02
N GLY C 82 -27.28 -2.53 6.92
CA GLY C 82 -27.79 -3.04 5.60
C GLY C 82 -26.86 -2.35 4.59
N THR C 83 -26.68 -2.89 3.46
CA THR C 83 -25.92 -2.34 2.36
C THR C 83 -26.18 -3.13 1.08
N ASN C 84 -26.08 -2.49 -0.06
CA ASN C 84 -26.20 -3.36 -1.29
C ASN C 84 -24.77 -3.90 -1.56
N LEU C 85 -24.63 -4.72 -2.58
CA LEU C 85 -23.26 -5.24 -2.82
C LEU C 85 -22.72 -4.67 -4.11
N PHE C 86 -22.60 -3.38 -4.19
CA PHE C 86 -21.92 -2.81 -5.41
C PHE C 86 -20.50 -2.62 -4.88
N ILE C 87 -19.66 -3.65 -5.05
CA ILE C 87 -18.30 -3.58 -4.55
C ILE C 87 -17.51 -2.44 -5.11
N GLY C 88 -17.93 -1.83 -6.21
CA GLY C 88 -17.14 -0.70 -6.72
C GLY C 88 -17.62 0.65 -6.25
N ASP C 89 -18.50 0.72 -5.31
CA ASP C 89 -19.08 1.96 -4.89
C ASP C 89 -19.48 1.99 -3.47
N GLY C 90 -19.94 3.14 -2.94
CA GLY C 90 -20.50 3.04 -1.57
C GLY C 90 -19.64 2.56 -0.49
N VAL C 91 -20.02 1.77 0.50
CA VAL C 91 -19.07 1.38 1.58
C VAL C 91 -17.79 0.74 1.07
N PHE C 92 -17.88 -0.19 0.15
CA PHE C 92 -16.80 -0.98 -0.39
C PHE C 92 -15.73 -0.20 -1.10
N LYS C 93 -16.12 0.91 -1.61
CA LYS C 93 -15.27 1.67 -2.55
C LYS C 93 -13.91 2.07 -2.10
N THR C 94 -13.60 2.30 -0.86
CA THR C 94 -12.31 2.78 -0.36
C THR C 94 -11.50 1.64 0.22
N THR C 95 -12.14 0.51 0.37
CA THR C 95 -11.44 -0.68 0.88
C THR C 95 -10.44 -1.11 -0.18
N LEU C 96 -9.45 -1.90 0.20
CA LEU C 96 -8.45 -2.38 -0.78
C LEU C 96 -9.09 -3.15 -1.91
N LEU C 97 -10.10 -3.96 -1.57
CA LEU C 97 -10.82 -4.74 -2.54
C LEU C 97 -11.53 -3.78 -3.51
N GLY C 98 -12.26 -2.89 -2.91
CA GLY C 98 -13.01 -1.92 -3.73
C GLY C 98 -12.08 -1.14 -4.64
N GLU C 99 -10.95 -0.82 -4.10
CA GLU C 99 -9.94 0.05 -4.70
C GLU C 99 -9.28 -0.62 -5.85
N ILE C 100 -9.11 -1.94 -5.84
CA ILE C 100 -8.49 -2.71 -6.92
C ILE C 100 -9.49 -3.09 -7.99
N VAL C 101 -10.66 -3.48 -7.57
CA VAL C 101 -11.78 -3.82 -8.45
C VAL C 101 -12.01 -2.70 -9.45
N GLN C 102 -11.76 -1.51 -9.00
CA GLN C 102 -11.93 -0.29 -9.79
C GLN C 102 -10.89 -0.20 -10.87
N TYR C 103 -9.81 -0.94 -10.83
CA TYR C 103 -8.86 -0.93 -11.96
C TYR C 103 -9.37 -1.89 -13.00
N TYR C 104 -10.44 -2.63 -12.76
CA TYR C 104 -10.89 -3.59 -13.83
C TYR C 104 -12.32 -3.36 -14.15
N THR C 105 -12.76 -3.78 -15.34
CA THR C 105 -14.13 -3.61 -15.74
C THR C 105 -15.12 -4.64 -15.27
N HIS C 106 -14.76 -5.88 -15.18
CA HIS C 106 -15.62 -7.02 -14.84
C HIS C 106 -15.10 -7.78 -13.64
N TRP C 107 -15.93 -8.34 -12.81
CA TRP C 107 -15.43 -9.16 -11.66
C TRP C 107 -16.33 -10.38 -11.61
N SER C 108 -15.90 -11.45 -11.05
CA SER C 108 -16.77 -12.63 -10.82
C SER C 108 -16.17 -13.33 -9.62
N GLY C 109 -16.90 -14.11 -8.82
CA GLY C 109 -16.28 -14.75 -7.69
C GLY C 109 -16.96 -14.63 -6.37
N SER C 110 -16.34 -15.38 -5.34
CA SER C 110 -17.08 -15.19 -4.02
C SER C 110 -16.44 -14.18 -3.16
N LEU C 111 -17.14 -13.50 -2.28
CA LEU C 111 -16.58 -12.46 -1.38
C LEU C 111 -16.56 -13.02 0.04
N ARG C 112 -15.59 -12.54 0.81
CA ARG C 112 -15.69 -13.07 2.22
C ARG C 112 -15.94 -11.87 3.09
N PHE C 113 -17.04 -11.82 3.79
CA PHE C 113 -17.42 -10.70 4.72
C PHE C 113 -17.32 -11.15 6.15
N SER C 114 -16.51 -10.72 7.00
CA SER C 114 -16.41 -11.18 8.40
C SER C 114 -16.67 -10.03 9.35
N LEU C 115 -17.05 -10.30 10.56
CA LEU C 115 -17.40 -9.30 11.59
C LEU C 115 -16.58 -9.67 12.82
N MET C 116 -15.81 -8.78 13.40
CA MET C 116 -15.09 -9.21 14.67
C MET C 116 -15.78 -8.50 15.82
N TYR C 117 -16.18 -9.15 16.87
CA TYR C 117 -16.90 -8.50 18.00
C TYR C 117 -15.92 -7.94 19.01
N THR C 118 -16.19 -6.72 19.53
CA THR C 118 -15.28 -6.07 20.47
C THR C 118 -15.87 -5.79 21.85
N GLY C 119 -17.09 -6.22 22.14
CA GLY C 119 -17.74 -6.01 23.46
C GLY C 119 -17.06 -6.69 24.60
N PRO C 120 -17.36 -6.25 25.85
CA PRO C 120 -16.72 -6.93 27.02
C PRO C 120 -16.84 -8.44 26.85
N ALA C 121 -15.82 -9.11 27.37
CA ALA C 121 -15.81 -10.55 27.42
C ALA C 121 -17.02 -11.16 28.16
N LEU C 122 -17.57 -10.59 29.20
CA LEU C 122 -18.69 -11.14 29.97
C LEU C 122 -20.06 -10.83 29.36
N SER C 123 -20.10 -10.33 28.13
CA SER C 123 -21.39 -10.08 27.46
C SER C 123 -21.70 -11.23 26.50
N SER C 124 -22.83 -11.22 25.84
CA SER C 124 -23.10 -12.35 24.89
C SER C 124 -24.03 -11.86 23.83
N ALA C 125 -24.15 -12.49 22.72
CA ALA C 125 -25.09 -11.94 21.68
C ALA C 125 -25.23 -13.01 20.61
N LYS C 126 -26.30 -13.02 19.87
CA LYS C 126 -26.51 -13.90 18.72
C LYS C 126 -27.08 -12.98 17.60
N LEU C 127 -26.36 -12.89 16.51
CA LEU C 127 -26.70 -12.15 15.36
C LEU C 127 -26.91 -13.06 14.17
N ILE C 128 -27.68 -12.63 13.22
CA ILE C 128 -27.89 -13.38 11.94
C ILE C 128 -27.37 -12.51 10.77
N LEU C 129 -26.52 -12.98 9.90
CA LEU C 129 -26.10 -12.17 8.76
C LEU C 129 -26.82 -12.81 7.54
N ALA C 130 -27.34 -12.04 6.65
CA ALA C 130 -28.09 -12.64 5.53
C ALA C 130 -27.58 -12.01 4.25
N TYR C 131 -27.37 -12.80 3.22
CA TYR C 131 -27.04 -12.39 1.86
C TYR C 131 -28.31 -12.56 1.04
N THR C 132 -28.79 -11.59 0.33
CA THR C 132 -30.08 -11.75 -0.46
C THR C 132 -29.68 -11.72 -1.93
N PRO C 133 -29.83 -12.77 -2.67
CA PRO C 133 -29.35 -12.83 -4.08
C PRO C 133 -30.24 -11.94 -4.93
N PRO C 134 -29.71 -11.52 -6.03
CA PRO C 134 -30.33 -10.51 -6.92
C PRO C 134 -31.71 -10.89 -7.24
N GLY C 135 -32.65 -9.93 -7.34
CA GLY C 135 -34.02 -10.38 -7.71
C GLY C 135 -35.03 -10.05 -6.71
N ALA C 136 -34.67 -9.91 -5.48
CA ALA C 136 -35.62 -9.52 -4.37
C ALA C 136 -35.17 -8.18 -3.84
N ARG C 137 -35.89 -7.48 -3.03
CA ARG C 137 -35.49 -6.21 -2.43
C ARG C 137 -34.62 -6.44 -1.21
N GLY C 138 -34.00 -5.36 -0.76
CA GLY C 138 -33.20 -5.52 0.56
C GLY C 138 -34.32 -5.99 1.55
N PRO C 139 -34.00 -7.00 2.32
CA PRO C 139 -35.00 -7.54 3.29
C PRO C 139 -35.37 -6.39 4.24
N GLN C 140 -36.58 -6.42 4.63
CA GLN C 140 -37.20 -5.51 5.55
C GLN C 140 -37.39 -5.97 6.95
N ASP C 141 -37.23 -7.17 7.30
CA ASP C 141 -37.34 -7.73 8.65
C ASP C 141 -36.63 -9.09 8.55
N ARG C 142 -36.23 -9.61 9.66
CA ARG C 142 -35.41 -10.86 9.73
C ARG C 142 -36.17 -11.98 9.08
N ARG C 143 -37.50 -11.88 9.09
CA ARG C 143 -38.20 -13.11 8.57
C ARG C 143 -37.84 -13.13 7.09
N GLU C 144 -37.93 -11.94 6.58
CA GLU C 144 -37.64 -11.85 5.15
C GLU C 144 -36.21 -12.20 4.92
N ALA C 145 -35.35 -11.74 5.83
CA ALA C 145 -33.88 -11.91 5.63
C ALA C 145 -33.46 -13.36 5.75
N MET C 146 -34.01 -14.04 6.69
CA MET C 146 -33.59 -15.42 7.04
C MET C 146 -33.93 -16.37 5.94
N LEU C 147 -34.71 -16.07 4.91
CA LEU C 147 -35.03 -17.03 3.84
C LEU C 147 -33.97 -17.12 2.74
N GLY C 148 -32.88 -16.44 2.81
CA GLY C 148 -31.80 -16.38 1.85
C GLY C 148 -30.54 -16.81 2.64
N THR C 149 -29.39 -16.65 2.01
CA THR C 149 -28.11 -17.10 2.56
C THR C 149 -27.90 -16.46 3.90
N HIS C 150 -27.68 -17.23 4.92
CA HIS C 150 -27.55 -16.55 6.26
C HIS C 150 -26.70 -17.38 7.17
N VAL C 151 -26.14 -16.90 8.25
CA VAL C 151 -25.34 -17.59 9.25
C VAL C 151 -25.80 -17.12 10.64
N VAL C 152 -26.24 -17.95 11.54
CA VAL C 152 -26.50 -17.42 12.92
C VAL C 152 -25.15 -17.36 13.57
N TRP C 153 -24.70 -16.24 14.01
CA TRP C 153 -23.36 -16.08 14.62
C TRP C 153 -23.45 -16.14 16.12
N ASP C 154 -22.76 -16.95 16.84
CA ASP C 154 -22.97 -16.94 18.34
C ASP C 154 -21.69 -16.29 18.86
N ILE C 155 -21.79 -15.19 19.52
CA ILE C 155 -20.56 -14.42 20.00
C ILE C 155 -19.92 -15.18 21.09
N GLY C 156 -18.64 -15.55 20.90
CA GLY C 156 -18.00 -16.36 21.94
C GLY C 156 -16.53 -16.00 22.02
N LEU C 157 -15.83 -17.03 22.46
CA LEU C 157 -14.39 -16.99 22.64
C LEU C 157 -13.74 -16.64 21.32
N GLN C 158 -14.11 -17.34 20.34
CA GLN C 158 -13.80 -17.08 18.91
C GLN C 158 -14.56 -15.81 18.53
N SER C 159 -13.70 -14.79 18.31
CA SER C 159 -14.16 -13.41 18.17
C SER C 159 -14.74 -13.04 16.85
N THR C 160 -14.31 -13.60 15.73
CA THR C 160 -14.78 -13.28 14.38
C THR C 160 -15.59 -14.34 13.74
N ILE C 161 -16.46 -14.02 12.85
CA ILE C 161 -17.31 -14.84 12.07
C ILE C 161 -17.04 -14.45 10.60
N VAL C 162 -16.86 -15.39 9.76
CA VAL C 162 -16.59 -15.21 8.36
C VAL C 162 -17.76 -15.66 7.53
N MET C 163 -18.51 -14.77 6.96
CA MET C 163 -19.61 -15.08 6.09
C MET C 163 -19.09 -15.05 4.67
N THR C 164 -19.49 -15.91 3.85
CA THR C 164 -19.05 -15.90 2.38
C THR C 164 -20.18 -15.47 1.56
N ILE C 165 -20.09 -14.58 0.64
CA ILE C 165 -21.28 -14.30 -0.29
C ILE C 165 -21.02 -15.18 -1.47
N PRO C 166 -21.55 -16.38 -1.51
CA PRO C 166 -21.22 -17.28 -2.66
C PRO C 166 -21.65 -16.68 -3.95
N TRP C 167 -20.90 -16.86 -5.03
CA TRP C 167 -21.27 -16.32 -6.35
C TRP C 167 -22.63 -16.91 -6.83
N THR C 168 -23.67 -16.09 -6.74
CA THR C 168 -24.98 -16.42 -7.26
C THR C 168 -25.27 -15.60 -8.49
N SER C 169 -25.23 -16.20 -9.67
CA SER C 169 -25.38 -15.40 -10.88
C SER C 169 -25.76 -16.14 -12.11
N GLY C 170 -26.52 -15.50 -12.96
CA GLY C 170 -26.90 -16.09 -14.27
C GLY C 170 -25.60 -15.88 -15.13
N VAL C 171 -25.39 -14.65 -15.53
CA VAL C 171 -24.28 -14.11 -16.29
C VAL C 171 -23.02 -14.39 -15.46
N GLN C 172 -21.96 -14.80 -16.11
CA GLN C 172 -20.72 -15.16 -15.38
C GLN C 172 -19.86 -14.04 -15.03
N PHE C 173 -20.12 -12.84 -15.41
CA PHE C 173 -19.33 -11.65 -14.96
C PHE C 173 -20.32 -10.52 -14.69
N ARG C 174 -19.97 -9.70 -13.79
CA ARG C 174 -20.74 -8.49 -13.44
C ARG C 174 -19.81 -7.32 -13.68
N TYR C 175 -20.38 -6.17 -13.86
CA TYR C 175 -19.56 -4.96 -14.08
C TYR C 175 -19.17 -4.40 -12.64
N THR C 176 -17.94 -3.86 -12.48
CA THR C 176 -17.51 -3.32 -11.15
C THR C 176 -18.20 -2.00 -10.91
N ASP C 177 -18.38 -1.24 -11.92
CA ASP C 177 -19.17 0.06 -11.78
C ASP C 177 -20.60 -0.35 -11.70
N PRO C 178 -21.37 0.21 -10.83
CA PRO C 178 -22.73 -0.36 -10.52
C PRO C 178 -23.57 -0.36 -11.75
N ASP C 179 -24.17 -1.52 -11.95
CA ASP C 179 -25.09 -1.73 -13.10
C ASP C 179 -26.24 -2.63 -12.69
N THR C 180 -27.42 -2.40 -13.21
CA THR C 180 -28.60 -3.11 -12.77
C THR C 180 -28.66 -4.58 -13.10
N TYR C 181 -28.55 -4.82 -14.39
CA TYR C 181 -28.76 -6.17 -14.93
C TYR C 181 -27.83 -7.13 -14.16
N THR C 182 -26.64 -6.61 -14.04
CA THR C 182 -25.48 -7.12 -13.39
C THR C 182 -25.44 -6.93 -11.91
N SER C 183 -26.55 -6.71 -11.21
CA SER C 183 -26.41 -6.34 -9.76
C SER C 183 -26.26 -7.51 -8.87
N ALA C 184 -25.60 -7.49 -7.70
CA ALA C 184 -25.40 -8.65 -6.90
C ALA C 184 -26.18 -8.94 -5.70
N GLY C 185 -27.13 -8.18 -5.25
CA GLY C 185 -27.86 -8.48 -3.99
C GLY C 185 -27.68 -7.49 -2.86
N PHE C 186 -28.02 -7.88 -1.67
CA PHE C 186 -27.95 -7.12 -0.49
C PHE C 186 -27.36 -7.96 0.63
N LEU C 187 -26.86 -7.23 1.60
CA LEU C 187 -26.28 -7.94 2.81
C LEU C 187 -26.94 -7.33 4.01
N SER C 188 -27.59 -7.97 4.91
CA SER C 188 -28.20 -7.30 6.10
C SER C 188 -27.78 -8.06 7.34
N CYS C 189 -28.01 -7.54 8.53
CA CYS C 189 -27.62 -8.25 9.82
C CYS C 189 -28.66 -7.85 10.85
N TRP C 190 -29.18 -8.75 11.67
CA TRP C 190 -30.26 -8.50 12.63
C TRP C 190 -29.95 -9.15 13.93
N TYR C 191 -30.54 -8.76 15.03
CA TYR C 191 -30.36 -9.50 16.31
C TYR C 191 -31.05 -10.84 16.20
N GLN C 192 -30.45 -11.92 16.59
CA GLN C 192 -31.06 -13.27 16.48
C GLN C 192 -31.75 -13.51 17.83
N THR C 193 -31.02 -13.13 18.85
CA THR C 193 -31.64 -13.07 20.19
C THR C 193 -31.36 -11.62 20.62
N SER C 194 -30.22 -11.30 21.13
CA SER C 194 -30.02 -9.85 21.47
C SER C 194 -28.74 -9.67 22.18
N LEU C 195 -28.11 -8.49 22.23
CA LEU C 195 -26.82 -8.34 22.96
C LEU C 195 -27.12 -8.22 24.45
N ILE C 196 -26.38 -8.78 25.33
CA ILE C 196 -26.69 -8.68 26.81
C ILE C 196 -25.48 -8.22 27.53
N LEU C 197 -25.40 -7.12 28.24
CA LEU C 197 -24.06 -6.71 28.84
C LEU C 197 -24.01 -7.21 30.26
N PRO C 198 -22.84 -7.48 30.79
CA PRO C 198 -22.76 -7.88 32.22
C PRO C 198 -23.04 -6.69 33.07
N PRO C 199 -23.29 -6.90 34.35
CA PRO C 199 -23.42 -5.85 35.34
C PRO C 199 -22.24 -4.89 35.29
N GLU C 200 -22.46 -3.69 35.79
CA GLU C 200 -21.38 -2.71 35.95
C GLU C 200 -20.89 -2.27 34.61
N THR C 201 -21.62 -2.57 33.59
CA THR C 201 -21.19 -2.23 32.21
C THR C 201 -22.22 -1.47 31.49
N THR C 202 -21.82 -0.61 30.57
CA THR C 202 -22.93 0.14 29.87
C THR C 202 -22.64 0.74 28.55
N GLY C 203 -23.76 1.04 27.85
CA GLY C 203 -23.56 1.67 26.54
C GLY C 203 -23.51 0.80 25.34
N GLN C 204 -22.91 1.34 24.27
CA GLN C 204 -22.86 0.64 22.97
C GLN C 204 -21.60 -0.22 22.87
N VAL C 205 -21.74 -1.30 22.14
CA VAL C 205 -20.48 -2.12 21.87
C VAL C 205 -20.35 -2.02 20.35
N TYR C 206 -19.17 -2.24 19.77
CA TYR C 206 -19.11 -2.19 18.30
C TYR C 206 -18.57 -3.42 17.66
N LEU C 207 -18.96 -3.67 16.45
CA LEU C 207 -18.42 -4.73 15.61
C LEU C 207 -17.46 -4.02 14.59
N LEU C 208 -16.35 -4.59 14.28
CA LEU C 208 -15.52 -4.17 13.17
C LEU C 208 -15.89 -5.06 11.98
N SER C 209 -15.90 -4.58 10.77
CA SER C 209 -16.26 -5.55 9.65
C SER C 209 -15.20 -5.54 8.60
N PHE C 210 -14.79 -6.68 8.03
CA PHE C 210 -13.77 -6.68 6.98
C PHE C 210 -14.30 -7.19 5.66
N ILE C 211 -13.64 -6.96 4.53
CA ILE C 211 -13.97 -7.59 3.25
C ILE C 211 -12.66 -7.99 2.52
N SER C 212 -12.64 -9.12 1.94
CA SER C 212 -11.60 -9.71 1.09
C SER C 212 -12.24 -10.66 0.08
N ALA C 213 -11.57 -11.02 -0.97
CA ALA C 213 -12.11 -11.88 -2.02
C ALA C 213 -11.76 -13.32 -1.82
N CYS C 214 -12.59 -14.25 -2.14
CA CYS C 214 -12.26 -15.71 -2.08
C CYS C 214 -11.31 -16.03 -3.21
N PRO C 215 -10.73 -17.23 -3.18
CA PRO C 215 -9.73 -17.64 -4.17
C PRO C 215 -10.38 -17.91 -5.50
N ASP C 216 -11.59 -17.90 -5.70
CA ASP C 216 -12.66 -18.03 -6.60
C ASP C 216 -12.70 -16.93 -7.62
N PHE C 217 -12.31 -15.75 -7.14
CA PHE C 217 -12.40 -14.44 -7.75
C PHE C 217 -11.72 -14.23 -9.06
N LYS C 218 -12.27 -13.53 -9.98
CA LYS C 218 -11.68 -13.16 -11.27
C LYS C 218 -11.96 -11.69 -11.52
N LEU C 219 -11.08 -10.97 -12.07
CA LEU C 219 -11.17 -9.53 -12.41
C LEU C 219 -10.62 -9.47 -13.86
N ARG C 220 -11.16 -8.74 -14.73
CA ARG C 220 -10.65 -8.64 -16.10
C ARG C 220 -10.99 -7.33 -16.75
N LEU C 221 -10.29 -7.02 -17.86
CA LEU C 221 -10.39 -5.86 -18.68
C LEU C 221 -10.04 -4.57 -17.90
N MET C 222 -8.76 -4.38 -17.84
CA MET C 222 -8.21 -3.22 -17.07
C MET C 222 -8.65 -1.90 -17.69
N LYS C 223 -8.82 -0.96 -16.83
CA LYS C 223 -9.19 0.41 -17.16
C LYS C 223 -8.74 1.35 -16.03
N ASP C 224 -9.04 2.59 -16.23
CA ASP C 224 -8.64 3.70 -15.36
C ASP C 224 -9.60 3.89 -14.21
N THR C 225 -9.10 4.30 -13.05
CA THR C 225 -9.93 4.36 -11.84
C THR C 225 -10.54 5.75 -11.74
N GLN C 226 -11.78 5.79 -11.29
CA GLN C 226 -12.44 7.05 -11.00
C GLN C 226 -11.86 7.56 -9.69
N THR C 227 -11.08 6.78 -8.99
CA THR C 227 -10.60 7.24 -7.71
C THR C 227 -9.48 8.16 -7.68
N ILE C 228 -8.99 8.74 -8.73
CA ILE C 228 -7.86 9.69 -8.72
C ILE C 228 -7.78 10.53 -9.96
N SER C 229 -7.57 11.82 -9.74
CA SER C 229 -7.55 12.74 -10.94
C SER C 229 -6.69 13.94 -10.62
N GLN C 230 -6.61 14.89 -11.53
CA GLN C 230 -5.69 16.01 -11.22
C GLN C 230 -6.00 17.11 -12.18
N THR C 231 -5.59 18.35 -11.83
CA THR C 231 -5.84 19.45 -12.75
C THR C 231 -4.55 20.02 -13.27
N VAL C 232 -3.48 20.01 -12.58
CA VAL C 232 -2.21 20.50 -13.33
C VAL C 232 -1.13 19.54 -12.99
N ALA C 233 -0.08 19.49 -13.82
CA ALA C 233 0.97 18.47 -13.45
C ALA C 233 1.58 18.87 -12.12
N LEU C 234 1.93 17.92 -11.29
CA LEU C 234 2.64 18.28 -10.03
C LEU C 234 4.08 18.64 -10.40
N THR C 235 4.49 19.89 -9.14
CA THR C 235 5.94 20.20 -9.24
C THR C 235 6.62 19.91 -7.90
N GLU C 236 7.93 20.01 -7.88
CA GLU C 236 8.72 19.77 -6.64
C GLU C 236 8.55 20.91 -5.67
N ILE D 29 12.31 -14.16 -31.51
CA ILE D 29 13.64 -13.63 -31.97
C ILE D 29 14.08 -12.28 -31.43
N ASN D 30 15.13 -12.22 -30.66
CA ASN D 30 15.49 -10.85 -30.18
C ASN D 30 16.29 -10.20 -31.29
N TYR D 31 16.00 -9.01 -31.72
CA TYR D 31 16.85 -8.35 -32.74
C TYR D 31 17.98 -7.53 -32.17
N TYR D 32 17.89 -7.34 -30.88
CA TYR D 32 18.79 -6.44 -30.16
C TYR D 32 19.59 -7.18 -29.11
N LYS D 33 20.75 -6.59 -28.81
CA LYS D 33 21.73 -7.20 -27.96
C LYS D 33 21.48 -7.15 -26.48
N ASP D 34 20.89 -6.09 -25.99
CA ASP D 34 20.72 -5.86 -24.56
C ASP D 34 19.47 -6.43 -24.03
N ALA D 35 19.41 -6.83 -22.75
CA ALA D 35 18.16 -7.45 -22.26
C ALA D 35 17.04 -6.46 -22.06
N ALA D 36 17.37 -5.19 -21.93
CA ALA D 36 16.31 -4.23 -21.59
C ALA D 36 15.50 -4.06 -22.83
N SER D 37 16.06 -4.64 -23.91
CA SER D 37 15.34 -4.16 -25.15
C SER D 37 14.31 -5.12 -25.54
N THR D 38 14.18 -6.20 -24.80
CA THR D 38 13.19 -7.27 -25.10
C THR D 38 11.81 -6.88 -24.63
N SER D 39 10.81 -7.59 -25.14
CA SER D 39 9.43 -7.18 -24.83
C SER D 39 9.09 -7.67 -23.43
N SER D 40 7.83 -7.40 -23.10
CA SER D 40 7.31 -7.58 -21.73
C SER D 40 7.57 -9.01 -21.29
N ALA D 41 7.60 -9.20 -19.97
CA ALA D 41 7.94 -10.47 -19.41
C ALA D 41 7.03 -11.62 -19.46
N GLY D 42 5.77 -11.84 -19.65
CA GLY D 42 5.36 -13.40 -19.43
C GLY D 42 4.92 -13.51 -17.98
N GLN D 43 3.84 -14.36 -17.77
CA GLN D 43 3.11 -14.33 -16.47
C GLN D 43 3.73 -15.23 -15.40
N SER D 44 4.05 -14.43 -14.32
CA SER D 44 4.67 -14.97 -13.15
C SER D 44 4.15 -16.41 -12.94
N LEU D 45 2.80 -16.28 -13.05
CA LEU D 45 2.16 -17.66 -12.74
C LEU D 45 2.87 -18.18 -11.47
N SER D 46 3.13 -17.06 -10.56
CA SER D 46 3.73 -17.52 -9.27
C SER D 46 2.59 -17.62 -8.25
N MET D 47 2.08 -16.52 -7.75
CA MET D 47 0.89 -16.54 -6.92
C MET D 47 0.89 -17.31 -5.63
N ASP D 48 1.18 -16.66 -4.52
CA ASP D 48 1.17 -17.25 -3.20
C ASP D 48 0.84 -16.19 -2.15
N PRO D 49 -0.44 -16.10 -1.88
CA PRO D 49 -0.92 -15.04 -1.00
C PRO D 49 -0.53 -15.34 0.41
N SER D 50 -0.06 -16.43 0.79
CA SER D 50 0.14 -16.68 2.23
C SER D 50 1.12 -15.72 2.80
N LYS D 51 2.07 -15.15 2.16
CA LYS D 51 2.94 -14.20 2.91
C LYS D 51 2.15 -13.02 3.43
N PHE D 52 1.07 -12.66 2.77
CA PHE D 52 0.17 -11.57 3.09
C PHE D 52 -1.02 -12.06 3.88
N THR D 53 -1.62 -13.17 3.58
CA THR D 53 -2.86 -13.57 4.28
C THR D 53 -2.68 -14.40 5.52
N GLU D 54 -1.59 -15.05 5.73
CA GLU D 54 -1.33 -15.88 6.86
C GLU D 54 0.09 -15.81 7.32
N PRO D 55 0.56 -14.62 7.69
CA PRO D 55 1.94 -14.51 8.19
C PRO D 55 1.95 -14.87 9.65
N VAL D 56 1.21 -15.87 10.16
CA VAL D 56 1.28 -16.15 11.61
C VAL D 56 2.41 -17.11 11.92
N LYS D 57 2.97 -17.05 13.10
CA LYS D 57 4.13 -17.83 13.49
C LYS D 57 3.66 -19.25 13.70
N ASP D 58 2.68 -19.59 14.44
CA ASP D 58 2.18 -20.94 14.61
C ASP D 58 0.94 -21.04 13.66
N LEU D 59 1.06 -22.02 12.81
CA LEU D 59 0.17 -22.41 11.77
C LEU D 59 -1.29 -22.58 12.28
N MET D 60 -2.17 -22.02 11.52
CA MET D 60 -3.59 -22.09 11.92
C MET D 60 -4.30 -23.04 11.00
N LEU D 61 -4.98 -24.08 11.49
CA LEU D 61 -5.78 -24.92 10.56
C LEU D 61 -7.23 -24.59 10.48
N LYS D 62 -7.72 -24.39 9.31
CA LYS D 62 -9.20 -23.96 9.19
C LYS D 62 -10.10 -24.94 9.82
N GLY D 63 -10.90 -24.62 10.84
CA GLY D 63 -11.80 -25.77 11.30
C GLY D 63 -11.35 -26.08 12.70
N ALA D 64 -10.08 -26.00 12.91
CA ALA D 64 -9.61 -26.09 14.33
C ALA D 64 -9.89 -24.72 14.94
N PRO D 65 -10.06 -24.67 16.24
CA PRO D 65 -10.25 -23.43 16.97
C PRO D 65 -9.11 -22.45 16.71
N ALA D 66 -9.43 -21.21 16.56
CA ALA D 66 -8.44 -20.13 16.40
C ALA D 66 -7.55 -20.01 17.61
N LEU D 67 -8.20 -19.93 18.77
CA LEU D 67 -7.38 -19.76 20.02
C LEU D 67 -7.74 -20.95 20.91
N ASN D 68 -6.77 -21.67 21.27
CA ASN D 68 -6.76 -22.90 22.04
C ASN D 68 -6.35 -22.48 23.47
#